data_6HAA
#
_entry.id   6HAA
#
_cell.length_a   56.058
_cell.length_b   97.206
_cell.length_c   156.677
_cell.angle_alpha   90.00
_cell.angle_beta   90.00
_cell.angle_gamma   90.00
#
_symmetry.space_group_name_H-M   'P 21 21 21'
#
loop_
_entity.id
_entity.type
_entity.pdbx_description
1 polymer 'Cellulase, putative, cel5D'
2 branched beta-D-glucopyranose-(1-4)-[alpha-D-xylopyranose-(1-6)]beta-D-glucopyranose-(1-4)-[alpha-D-xylopyranose-(1-6)]beta-D-glucopyranose-(1-4)-2-deoxy-2-fluoro-alpha-D-glucopyranose
3 branched alpha-D-xylopyranose-(1-6)-beta-D-glucopyranose-(1-4)-[alpha-D-xylopyranose-(1-6)]beta-D-glucopyranose-(1-4)-[alpha-D-xylopyranose-(1-6)]beta-D-glucopyranose-(1-4)-2-deoxy-2-fluoro-alpha-D-glucopyranose
4 non-polymer GLYCEROL
5 non-polymer 'SULFATE ION'
6 non-polymer 'TRIETHYLENE GLYCOL'
7 non-polymer '2-(N-MORPHOLINO)-ETHANESULFONIC ACID'
8 non-polymer 'PENTAETHYLENE GLYCOL'
9 water water
#
_entity_poly.entity_id   1
_entity_poly.type   'polypeptide(L)'
_entity_poly.pdbx_seq_one_letter_code
;MGSSHHHHHHSSGLVPRGSHMASGLYPSYNTSPAAPDSTGMQSTAVQLAGKIRLGWNIGNTMEAIGGETAWGNPMVSNEL
LKLVKDSGFDAVRIPVAWDQYANQESAEISAAWLNRVKQVVQMAIDNELYVLINIHWDGGWLENNITPAKKDENNAKQKA
FWEQIATHLRDFDEHLLFAGTNAPNAENAEQMDVLNSYLQTFVDAVRSTGGKNAYRVLVLQGPVTDIEKTNELWTHMPAD
TATDRLMAEVHFYTPYNFALMRQDESWGKQFYYWGEGFLSTTDTERNPTWGEEATIDQLFDLMKTKFVDQGIPVVLGEFS
AMRRTNLTGDALTLHLAGRAYYHKYVTQQALARGLLPFYWDNGGNDNFSSGIFNRQQNTVFDQQVLDALLEGAGAQ
;
_entity_poly.pdbx_strand_id   A,B
#
# COMPACT_ATOMS: atom_id res chain seq x y z
N GLY A 24 16.15 8.36 24.25
CA GLY A 24 15.06 7.49 24.79
C GLY A 24 13.67 8.13 24.70
N LEU A 25 13.00 7.90 23.59
CA LEU A 25 11.60 8.30 23.40
C LEU A 25 10.67 7.72 24.46
N TYR A 26 10.95 6.47 24.81
CA TYR A 26 10.21 5.63 25.78
C TYR A 26 11.20 5.11 26.83
N PRO A 27 10.71 4.84 28.05
CA PRO A 27 11.54 4.10 29.00
C PRO A 27 11.97 2.71 28.56
N SER A 28 12.98 2.17 29.27
CA SER A 28 13.38 0.79 29.08
C SER A 28 12.40 -0.13 29.73
N TYR A 29 12.03 -1.20 29.04
CA TYR A 29 11.20 -2.24 29.63
C TYR A 29 11.99 -3.51 29.80
N ASN A 30 13.31 -3.43 29.81
CA ASN A 30 14.09 -4.61 30.04
C ASN A 30 14.50 -4.47 31.47
N THR A 31 13.49 -4.60 32.34
CA THR A 31 13.53 -4.28 33.78
C THR A 31 13.96 -5.49 34.67
N SER A 32 13.84 -6.72 34.17
CA SER A 32 14.29 -7.91 34.92
C SER A 32 15.12 -8.87 34.06
N PRO A 33 16.24 -8.41 33.45
CA PRO A 33 16.92 -9.40 32.61
C PRO A 33 17.35 -10.62 33.39
N ALA A 34 17.18 -11.80 32.83
CA ALA A 34 17.45 -13.03 33.55
C ALA A 34 18.72 -13.66 32.97
N ALA A 35 19.40 -14.46 33.77
CA ALA A 35 20.51 -15.28 33.25
C ALA A 35 20.06 -16.12 32.01
N PRO A 36 20.89 -16.21 30.93
CA PRO A 36 20.65 -17.13 29.82
C PRO A 36 20.28 -18.52 30.33
N ASP A 37 19.24 -19.13 29.77
CA ASP A 37 18.76 -20.43 30.26
C ASP A 37 18.39 -21.34 29.06
N SER A 38 19.21 -22.37 28.86
CA SER A 38 19.06 -23.27 27.72
C SER A 38 18.17 -24.45 28.00
N THR A 39 17.61 -24.55 29.21
CA THR A 39 16.75 -25.70 29.57
C THR A 39 15.43 -25.71 28.77
N GLY A 40 15.09 -26.85 28.16
CA GLY A 40 13.96 -26.95 27.23
C GLY A 40 14.09 -26.15 25.93
N MET A 41 15.33 -25.69 25.63
CA MET A 41 15.63 -24.91 24.44
C MET A 41 16.72 -25.61 23.61
N GLN A 42 16.76 -26.94 23.63
CA GLN A 42 17.89 -27.66 22.99
C GLN A 42 17.83 -27.68 21.45
N SER A 43 16.63 -27.59 20.85
CA SER A 43 16.50 -27.61 19.37
C SER A 43 17.01 -26.35 18.61
N THR A 44 17.62 -26.63 17.46
CA THR A 44 17.89 -25.59 16.46
C THR A 44 16.63 -25.31 15.65
N ALA A 45 16.68 -24.20 14.91
CA ALA A 45 15.58 -23.82 14.03
C ALA A 45 15.26 -24.95 13.08
N VAL A 46 16.30 -25.52 12.47
CA VAL A 46 16.06 -26.68 11.58
C VAL A 46 15.36 -27.85 12.30
N GLN A 47 15.82 -28.15 13.51
CA GLN A 47 15.23 -29.26 14.30
C GLN A 47 13.77 -29.00 14.70
N LEU A 48 13.49 -27.78 15.09
CA LEU A 48 12.13 -27.35 15.41
C LEU A 48 11.20 -27.43 14.20
N ALA A 49 11.68 -26.93 13.05
CA ALA A 49 10.88 -27.05 11.78
C ALA A 49 10.55 -28.48 11.43
N GLY A 50 11.51 -29.37 11.70
CA GLY A 50 11.27 -30.81 11.57
C GLY A 50 10.03 -31.31 12.30
N LYS A 51 9.70 -30.71 13.45
CA LYS A 51 8.54 -31.13 14.24
C LYS A 51 7.16 -30.56 13.77
N ILE A 52 7.15 -29.54 12.90
CA ILE A 52 5.90 -28.91 12.43
C ILE A 52 5.63 -29.17 10.95
N ARG A 53 4.52 -29.77 10.64
CA ARG A 53 4.06 -29.94 9.29
C ARG A 53 2.78 -29.19 8.94
N LEU A 54 1.95 -28.88 9.92
CA LEU A 54 0.69 -28.18 9.64
C LEU A 54 0.33 -27.26 10.79
N GLY A 55 -0.08 -26.04 10.41
CA GLY A 55 -0.23 -24.90 11.30
C GLY A 55 -1.58 -24.26 11.03
N TRP A 56 -2.13 -23.63 12.06
CA TRP A 56 -3.43 -23.01 11.99
C TRP A 56 -3.37 -21.59 12.64
N ASN A 57 -3.73 -20.55 11.88
CA ASN A 57 -3.78 -19.21 12.40
C ASN A 57 -5.08 -19.00 13.20
N ILE A 58 -4.97 -18.37 14.38
CA ILE A 58 -6.16 -17.99 15.14
C ILE A 58 -6.60 -16.63 14.60
N GLY A 59 -7.08 -16.63 13.34
CA GLY A 59 -7.26 -15.34 12.75
C GLY A 59 -8.45 -14.56 13.28
N ASN A 60 -8.35 -13.24 13.09
CA ASN A 60 -9.38 -12.27 13.46
C ASN A 60 -9.78 -12.42 14.91
N THR A 61 -8.79 -12.66 15.82
CA THR A 61 -9.10 -12.86 17.20
C THR A 61 -8.20 -11.96 18.06
N MET A 62 -7.02 -12.43 18.50
CA MET A 62 -6.14 -11.59 19.37
C MET A 62 -5.62 -10.33 18.70
N GLU A 63 -5.69 -10.26 17.34
CA GLU A 63 -5.36 -9.07 16.63
C GLU A 63 -6.48 -8.15 16.24
N ALA A 64 -7.71 -8.47 16.61
CA ALA A 64 -8.80 -7.65 16.21
C ALA A 64 -8.78 -6.29 16.84
N ILE A 65 -8.98 -5.29 16.02
CA ILE A 65 -9.06 -3.98 16.46
C ILE A 65 -10.40 -3.80 17.23
N GLY A 66 -10.29 -3.28 18.43
CA GLY A 66 -11.46 -3.10 19.37
C GLY A 66 -11.55 -4.14 20.42
N GLY A 67 -10.78 -5.22 20.31
CA GLY A 67 -10.77 -6.25 21.31
C GLY A 67 -10.87 -7.65 20.79
N GLU A 68 -10.57 -8.65 21.62
CA GLU A 68 -10.44 -10.03 21.15
C GLU A 68 -11.71 -10.49 20.43
N THR A 69 -12.87 -10.00 20.82
CA THR A 69 -14.13 -10.44 20.23
C THR A 69 -14.71 -9.48 19.20
N ALA A 70 -13.98 -8.45 18.81
CA ALA A 70 -14.52 -7.37 17.99
C ALA A 70 -14.79 -7.72 16.55
N TRP A 71 -14.16 -8.77 16.08
CA TRP A 71 -14.31 -9.17 14.71
C TRP A 71 -15.10 -10.49 14.58
N GLY A 72 -16.02 -10.73 15.52
CA GLY A 72 -16.98 -11.86 15.46
C GLY A 72 -16.55 -13.19 16.00
N ASN A 73 -15.30 -13.32 16.48
CA ASN A 73 -14.90 -14.57 17.06
C ASN A 73 -15.00 -14.51 18.58
N PRO A 74 -15.29 -15.67 19.23
CA PRO A 74 -15.24 -15.70 20.69
C PRO A 74 -13.80 -15.57 21.24
N MET A 75 -13.64 -15.34 22.54
CA MET A 75 -12.30 -15.40 23.12
C MET A 75 -11.73 -16.79 22.90
N VAL A 76 -10.42 -16.87 22.65
CA VAL A 76 -9.78 -18.17 22.57
C VAL A 76 -9.97 -19.00 23.82
N SER A 77 -10.44 -20.25 23.66
CA SER A 77 -10.66 -21.14 24.78
C SER A 77 -9.83 -22.36 24.64
N ASN A 78 -9.72 -23.11 25.72
CA ASN A 78 -8.98 -24.34 25.70
C ASN A 78 -9.68 -25.30 24.77
N GLU A 79 -10.99 -25.20 24.70
CA GLU A 79 -11.72 -26.17 23.94
C GLU A 79 -11.36 -26.06 22.42
N LEU A 80 -11.21 -24.82 21.96
CA LEU A 80 -10.77 -24.54 20.58
C LEU A 80 -9.41 -25.10 20.35
N LEU A 81 -8.45 -24.82 21.24
CA LEU A 81 -7.12 -25.28 21.02
C LEU A 81 -7.02 -26.81 21.00
N LYS A 82 -7.80 -27.42 21.91
CA LYS A 82 -7.99 -28.85 21.88
C LYS A 82 -8.54 -29.39 20.55
N LEU A 83 -9.59 -28.80 20.03
CA LEU A 83 -10.09 -29.17 18.68
C LEU A 83 -9.01 -29.00 17.59
N VAL A 84 -8.21 -27.91 17.66
CA VAL A 84 -7.19 -27.65 16.66
C VAL A 84 -6.17 -28.78 16.70
N LYS A 85 -5.68 -29.14 17.89
CA LYS A 85 -4.82 -30.26 18.05
C LYS A 85 -5.43 -31.57 17.61
N ASP A 86 -6.61 -31.87 18.13
CA ASP A 86 -7.22 -33.12 17.85
C ASP A 86 -7.51 -33.25 16.35
N SER A 87 -7.82 -32.17 15.67
CA SER A 87 -8.00 -32.18 14.23
C SER A 87 -6.76 -32.51 13.40
N GLY A 88 -5.57 -32.40 13.95
CA GLY A 88 -4.35 -32.72 13.21
C GLY A 88 -3.30 -31.65 13.01
N PHE A 89 -3.54 -30.45 13.55
CA PHE A 89 -2.53 -29.38 13.53
C PHE A 89 -1.45 -29.60 14.57
N ASP A 90 -0.21 -29.33 14.21
CA ASP A 90 0.93 -29.33 15.14
C ASP A 90 1.24 -27.97 15.81
N ALA A 91 0.73 -26.87 15.22
CA ALA A 91 1.14 -25.51 15.62
C ALA A 91 0.04 -24.53 15.36
N VAL A 92 0.13 -23.39 16.06
CA VAL A 92 -0.80 -22.31 15.85
C VAL A 92 0.04 -21.07 15.69
N ARG A 93 -0.44 -20.18 14.81
CA ARG A 93 0.14 -18.86 14.72
C ARG A 93 -0.90 -17.99 15.29
N ILE A 94 -0.51 -17.13 16.23
CA ILE A 94 -1.45 -16.25 16.90
C ILE A 94 -1.09 -14.83 16.56
N PRO A 95 -1.83 -14.22 15.65
CA PRO A 95 -1.73 -12.76 15.42
C PRO A 95 -2.17 -12.03 16.65
N VAL A 96 -1.41 -11.00 17.06
CA VAL A 96 -1.72 -10.29 18.31
C VAL A 96 -1.61 -8.85 18.03
N ALA A 97 -2.57 -8.10 18.52
CA ALA A 97 -2.57 -6.65 18.45
C ALA A 97 -1.97 -6.18 19.80
N TRP A 98 -1.36 -5.01 19.83
CA TRP A 98 -0.63 -4.48 21.04
C TRP A 98 -0.84 -3.01 21.23
N ASP A 99 -0.67 -2.25 20.12
CA ASP A 99 -0.69 -0.78 20.11
C ASP A 99 -1.94 -0.21 20.75
N GLN A 100 -3.12 -0.77 20.42
CA GLN A 100 -4.40 -0.28 21.06
C GLN A 100 -4.48 -0.55 22.57
N TYR A 101 -3.60 -1.40 23.11
CA TYR A 101 -3.56 -1.78 24.51
C TYR A 101 -2.43 -1.00 25.22
N ALA A 102 -1.77 -0.14 24.53
CA ALA A 102 -0.58 0.53 25.12
C ALA A 102 -0.83 2.04 25.32
N ASN A 103 -0.31 2.54 26.43
CA ASN A 103 -0.17 3.99 26.65
C ASN A 103 0.69 4.60 25.56
N GLN A 104 0.24 5.66 24.94
CA GLN A 104 0.85 6.12 23.75
C GLN A 104 2.04 7.02 24.09
N GLU A 105 2.00 7.66 25.27
CA GLU A 105 3.17 8.41 25.77
C GLU A 105 4.33 7.51 26.10
N SER A 106 4.10 6.49 26.90
CA SER A 106 5.16 5.64 27.45
C SER A 106 5.41 4.31 26.69
N ALA A 107 4.45 3.91 25.86
CA ALA A 107 4.48 2.55 25.19
C ALA A 107 4.31 1.41 26.12
N GLU A 108 3.82 1.69 27.35
CA GLU A 108 3.52 0.65 28.27
C GLU A 108 2.24 -0.13 27.85
N ILE A 109 2.38 -1.44 27.68
CA ILE A 109 1.28 -2.35 27.34
C ILE A 109 0.54 -2.77 28.62
N SER A 110 -0.79 -2.73 28.53
CA SER A 110 -1.67 -3.10 29.62
C SER A 110 -1.22 -4.39 30.21
N ALA A 111 -1.17 -4.43 31.54
CA ALA A 111 -0.83 -5.61 32.27
C ALA A 111 -1.85 -6.73 32.07
N ALA A 112 -3.10 -6.33 31.98
CA ALA A 112 -4.20 -7.26 31.81
C ALA A 112 -4.10 -7.97 30.42
N TRP A 113 -3.72 -7.22 29.40
CA TRP A 113 -3.49 -7.78 28.05
C TRP A 113 -2.36 -8.72 27.97
N LEU A 114 -1.20 -8.32 28.57
CA LEU A 114 -0.08 -9.22 28.67
C LEU A 114 -0.43 -10.50 29.33
N ASN A 115 -1.22 -10.45 30.46
CA ASN A 115 -1.59 -11.67 31.12
C ASN A 115 -2.56 -12.52 30.27
N ARG A 116 -3.42 -11.83 29.56
CA ARG A 116 -4.38 -12.58 28.65
C ARG A 116 -3.60 -13.35 27.57
N VAL A 117 -2.63 -12.68 26.94
CA VAL A 117 -1.79 -13.35 25.90
C VAL A 117 -1.04 -14.47 26.50
N LYS A 118 -0.48 -14.25 27.69
CA LYS A 118 0.27 -15.29 28.35
C LYS A 118 -0.62 -16.45 28.58
N GLN A 119 -1.86 -16.16 28.97
CA GLN A 119 -2.79 -17.24 29.28
C GLN A 119 -3.09 -18.13 28.01
N VAL A 120 -3.28 -17.49 26.87
CA VAL A 120 -3.52 -18.21 25.57
C VAL A 120 -2.34 -19.06 25.17
N VAL A 121 -1.15 -18.50 25.36
CA VAL A 121 0.06 -19.26 25.05
C VAL A 121 0.10 -20.52 25.92
N GLN A 122 -0.13 -20.30 27.20
CA GLN A 122 -0.11 -21.40 28.17
C GLN A 122 -1.09 -22.50 27.78
N MET A 123 -2.29 -22.15 27.38
CA MET A 123 -3.23 -23.17 26.99
C MET A 123 -2.82 -23.83 25.68
N ALA A 124 -2.16 -23.09 24.77
CA ALA A 124 -1.80 -23.79 23.52
C ALA A 124 -0.70 -24.79 23.85
N ILE A 125 0.28 -24.36 24.64
CA ILE A 125 1.38 -25.24 25.00
C ILE A 125 0.86 -26.44 25.84
N ASP A 126 -0.16 -26.24 26.66
CA ASP A 126 -0.81 -27.37 27.37
C ASP A 126 -1.54 -28.36 26.44
N ASN A 127 -1.89 -27.97 25.21
CA ASN A 127 -2.50 -28.92 24.22
C ASN A 127 -1.45 -29.45 23.27
N GLU A 128 -0.18 -29.29 23.64
CA GLU A 128 0.97 -29.81 22.91
C GLU A 128 1.07 -29.20 21.48
N LEU A 129 0.75 -27.92 21.37
CA LEU A 129 0.97 -27.16 20.12
C LEU A 129 2.21 -26.31 20.18
N TYR A 130 2.97 -26.23 19.08
CA TYR A 130 3.94 -25.09 18.98
C TYR A 130 3.09 -23.81 18.73
N VAL A 131 3.66 -22.69 19.12
CA VAL A 131 3.00 -21.39 19.11
C VAL A 131 3.91 -20.29 18.59
N LEU A 132 3.40 -19.56 17.62
CA LEU A 132 4.13 -18.40 17.07
C LEU A 132 3.31 -17.19 17.35
N ILE A 133 3.86 -16.29 18.15
CA ILE A 133 3.24 -14.99 18.54
C ILE A 133 3.91 -13.90 17.75
N ASN A 134 3.14 -12.96 17.20
CA ASN A 134 3.71 -11.80 16.47
C ASN A 134 3.21 -10.48 17.04
N ILE A 135 3.67 -9.40 16.40
CA ILE A 135 2.99 -8.12 16.38
C ILE A 135 2.42 -8.06 15.02
N HIS A 136 1.10 -8.01 14.92
CA HIS A 136 0.41 -8.09 13.62
C HIS A 136 0.36 -6.74 12.90
N TRP A 137 -0.49 -6.60 11.87
CA TRP A 137 -0.79 -5.28 11.29
C TRP A 137 -0.99 -4.17 12.35
N ASP A 138 -1.76 -4.47 13.37
CA ASP A 138 -1.75 -3.70 14.61
C ASP A 138 -2.10 -2.28 14.40
N GLY A 139 -3.03 -2.05 13.50
CA GLY A 139 -3.45 -0.73 13.09
C GLY A 139 -2.53 0.06 12.17
N GLY A 140 -1.40 -0.57 11.85
CA GLY A 140 -0.51 -0.09 10.82
C GLY A 140 0.74 0.66 11.25
N TRP A 141 0.95 0.82 12.56
CA TRP A 141 2.00 1.76 13.04
C TRP A 141 3.37 1.40 12.42
N LEU A 142 3.70 0.11 12.49
CA LEU A 142 4.96 -0.33 11.80
C LEU A 142 4.69 -0.73 10.40
N GLU A 143 3.72 -1.62 10.21
CA GLU A 143 3.43 -2.25 8.95
C GLU A 143 3.34 -1.41 7.69
N ASN A 144 2.69 -0.28 7.81
CA ASN A 144 2.54 0.60 6.72
C ASN A 144 3.58 1.74 6.72
N ASN A 145 4.58 1.65 7.54
CA ASN A 145 5.54 2.73 7.76
C ASN A 145 6.95 2.19 7.72
N ILE A 146 7.29 1.47 6.68
CA ILE A 146 8.68 1.00 6.52
C ILE A 146 9.43 2.09 5.70
N THR A 147 9.70 3.20 6.37
CA THR A 147 10.20 4.41 5.67
C THR A 147 11.21 5.18 6.46
N PRO A 148 12.08 5.96 5.78
CA PRO A 148 13.11 6.65 6.60
C PRO A 148 12.60 7.65 7.64
N ALA A 149 11.55 8.38 7.27
CA ALA A 149 10.91 9.28 8.21
C ALA A 149 10.38 8.62 9.48
N LYS A 150 9.96 7.34 9.39
CA LYS A 150 9.36 6.70 10.56
C LYS A 150 10.31 5.78 11.24
N LYS A 151 11.52 5.60 10.63
CA LYS A 151 12.46 4.62 11.12
C LYS A 151 12.83 4.76 12.59
N ASP A 152 13.23 5.95 13.04
CA ASP A 152 13.61 6.09 14.43
C ASP A 152 12.45 5.88 15.44
N GLU A 153 11.34 6.56 15.22
CA GLU A 153 10.21 6.36 16.17
C GLU A 153 9.72 4.92 16.25
N ASN A 154 9.70 4.24 15.11
CA ASN A 154 9.16 2.89 15.03
C ASN A 154 10.14 1.93 15.69
N ASN A 155 11.46 2.15 15.45
CA ASN A 155 12.43 1.32 16.18
C ASN A 155 12.23 1.40 17.69
N ALA A 156 11.98 2.64 18.18
CA ALA A 156 11.78 2.91 19.60
C ALA A 156 10.57 2.09 20.12
N LYS A 157 9.50 2.07 19.33
CA LYS A 157 8.25 1.33 19.76
C LYS A 157 8.42 -0.16 19.60
N GLN A 158 9.12 -0.57 18.54
CA GLN A 158 9.44 -1.98 18.35
C GLN A 158 10.22 -2.54 19.55
N LYS A 159 11.19 -1.75 19.98
CA LYS A 159 12.03 -2.11 21.10
C LYS A 159 11.23 -2.16 22.39
N ALA A 160 10.52 -1.09 22.66
CA ALA A 160 9.69 -1.03 23.88
C ALA A 160 8.65 -2.18 23.96
N PHE A 161 7.97 -2.48 22.86
CA PHE A 161 6.94 -3.56 22.88
C PHE A 161 7.56 -4.93 23.00
N TRP A 162 8.67 -5.16 22.27
CA TRP A 162 9.25 -6.47 22.29
C TRP A 162 9.91 -6.73 23.62
N GLU A 163 10.51 -5.72 24.24
CA GLU A 163 11.00 -5.91 25.63
C GLU A 163 9.91 -6.41 26.57
N GLN A 164 8.72 -5.83 26.47
CA GLN A 164 7.61 -6.23 27.33
C GLN A 164 7.08 -7.61 27.02
N ILE A 165 6.83 -7.87 25.72
CA ILE A 165 6.25 -9.16 25.30
C ILE A 165 7.21 -10.24 25.65
N ALA A 166 8.49 -10.07 25.26
CA ALA A 166 9.48 -11.09 25.61
C ALA A 166 9.71 -11.29 27.12
N THR A 167 9.73 -10.21 27.87
CA THR A 167 9.95 -10.36 29.30
C THR A 167 8.79 -11.16 29.89
N HIS A 168 7.57 -10.84 29.45
CA HIS A 168 6.35 -11.48 30.03
C HIS A 168 6.20 -12.96 29.65
N LEU A 169 6.71 -13.31 28.46
CA LEU A 169 6.60 -14.67 27.98
C LEU A 169 7.90 -15.49 28.10
N ARG A 170 8.84 -14.96 28.90
CA ARG A 170 10.24 -15.45 28.93
C ARG A 170 10.39 -16.92 29.30
N ASP A 171 9.52 -17.41 30.20
CA ASP A 171 9.70 -18.73 30.81
C ASP A 171 9.15 -19.90 30.03
N PHE A 172 8.42 -19.67 28.92
CA PHE A 172 7.99 -20.79 28.09
C PHE A 172 9.19 -21.41 27.35
N ASP A 173 9.07 -22.68 27.10
CA ASP A 173 10.12 -23.43 26.49
C ASP A 173 10.05 -23.26 24.96
N GLU A 174 10.78 -24.10 24.23
CA GLU A 174 10.85 -23.98 22.77
C GLU A 174 9.56 -24.20 22.00
N HIS A 175 8.48 -24.61 22.67
CA HIS A 175 7.17 -24.60 22.02
C HIS A 175 6.74 -23.19 21.60
N LEU A 176 7.29 -22.15 22.21
CA LEU A 176 6.94 -20.81 21.83
C LEU A 176 8.01 -20.18 21.01
N LEU A 177 7.60 -19.64 19.85
CA LEU A 177 8.42 -18.82 18.94
C LEU A 177 7.80 -17.40 18.84
N PHE A 178 8.64 -16.43 18.55
CA PHE A 178 8.24 -15.05 18.26
C PHE A 178 8.54 -14.68 16.79
N ALA A 179 7.63 -13.92 16.20
CA ALA A 179 7.79 -13.36 14.88
C ALA A 179 7.68 -11.88 15.01
N GLY A 180 8.65 -11.18 14.47
CA GLY A 180 8.77 -9.79 14.86
C GLY A 180 7.79 -8.80 14.30
N THR A 181 7.27 -9.10 13.10
CA THR A 181 6.30 -8.25 12.34
C THR A 181 5.36 -9.20 11.63
N ASN A 182 4.46 -8.70 10.76
CA ASN A 182 3.48 -9.55 10.05
C ASN A 182 3.74 -9.43 8.55
N ALA A 183 3.31 -8.35 7.92
CA ALA A 183 3.43 -8.19 6.46
C ALA A 183 4.03 -6.82 6.09
N PRO A 184 5.26 -6.54 6.52
CA PRO A 184 5.77 -5.16 6.40
C PRO A 184 5.80 -4.70 4.94
N ASN A 185 5.38 -3.48 4.69
CA ASN A 185 5.14 -2.99 3.35
C ASN A 185 6.48 -2.33 2.83
N ALA A 186 7.45 -3.17 2.44
CA ALA A 186 8.77 -2.74 1.85
C ALA A 186 8.77 -3.16 0.41
N GLU A 187 8.79 -2.19 -0.48
CA GLU A 187 8.54 -2.40 -1.95
C GLU A 187 9.80 -2.21 -2.82
N ASN A 188 10.83 -1.70 -2.17
CA ASN A 188 12.14 -1.30 -2.76
C ASN A 188 13.34 -1.48 -1.77
N ALA A 189 14.57 -1.29 -2.27
CA ALA A 189 15.78 -1.49 -1.49
C ALA A 189 15.85 -0.54 -0.30
N GLU A 190 15.51 0.72 -0.48
CA GLU A 190 15.58 1.64 0.67
C GLU A 190 14.58 1.20 1.83
N GLN A 191 13.39 0.75 1.46
CA GLN A 191 12.45 0.20 2.49
C GLN A 191 12.97 -1.10 3.09
N MET A 192 13.59 -1.93 2.26
CA MET A 192 14.25 -3.13 2.78
C MET A 192 15.29 -2.80 3.86
N ASP A 193 16.08 -1.73 3.74
CA ASP A 193 17.07 -1.37 4.72
C ASP A 193 16.37 -1.00 6.02
N VAL A 194 15.26 -0.26 5.91
CA VAL A 194 14.49 0.13 7.08
C VAL A 194 13.92 -1.15 7.75
N LEU A 195 13.34 -2.05 6.95
CA LEU A 195 12.87 -3.33 7.50
C LEU A 195 14.00 -4.04 8.22
N ASN A 196 15.20 -4.10 7.63
CA ASN A 196 16.30 -4.80 8.33
C ASN A 196 16.61 -4.21 9.68
N SER A 197 16.40 -2.91 9.83
CA SER A 197 16.53 -2.27 11.04
C SER A 197 15.43 -2.66 12.05
N TYR A 198 14.21 -2.77 11.59
CA TYR A 198 13.14 -3.16 12.47
C TYR A 198 13.34 -4.60 13.00
N LEU A 199 13.75 -5.48 12.12
CA LEU A 199 13.99 -6.88 12.41
C LEU A 199 15.18 -7.08 13.39
N GLN A 200 16.28 -6.30 13.20
CA GLN A 200 17.39 -6.26 14.17
C GLN A 200 16.99 -5.76 15.50
N THR A 201 16.17 -4.70 15.55
CA THR A 201 15.67 -4.21 16.82
C THR A 201 14.87 -5.25 17.55
N PHE A 202 14.09 -6.03 16.82
CA PHE A 202 13.32 -7.13 17.41
C PHE A 202 14.19 -8.22 18.03
N VAL A 203 15.16 -8.72 17.26
CA VAL A 203 16.10 -9.73 17.79
C VAL A 203 16.81 -9.25 19.04
N ASP A 204 17.38 -8.04 18.97
CA ASP A 204 18.12 -7.54 20.11
C ASP A 204 17.25 -7.36 21.35
N ALA A 205 16.01 -6.92 21.15
CA ALA A 205 15.14 -6.69 22.25
C ALA A 205 14.89 -7.99 22.99
N VAL A 206 14.52 -9.02 22.23
CA VAL A 206 14.22 -10.33 22.77
C VAL A 206 15.45 -10.95 23.50
N ARG A 207 16.59 -10.98 22.80
CA ARG A 207 17.81 -11.54 23.37
C ARG A 207 18.22 -10.82 24.67
N SER A 208 18.15 -9.49 24.69
CA SER A 208 18.38 -8.69 25.90
C SER A 208 17.65 -9.10 27.17
N THR A 209 16.52 -9.78 27.06
CA THR A 209 15.73 -10.10 28.25
C THR A 209 16.25 -11.32 28.98
N GLY A 210 17.10 -12.08 28.30
CA GLY A 210 17.74 -13.22 28.86
C GLY A 210 16.81 -14.37 29.02
N GLY A 211 17.15 -15.23 29.96
CA GLY A 211 16.32 -16.39 30.21
C GLY A 211 16.34 -17.28 29.01
N LYS A 212 15.26 -18.00 28.82
CA LYS A 212 15.12 -18.83 27.67
C LYS A 212 15.10 -17.98 26.38
N ASN A 213 14.87 -16.67 26.51
CA ASN A 213 14.84 -15.78 25.34
C ASN A 213 16.25 -15.62 24.76
N ALA A 214 17.29 -16.04 25.49
CA ALA A 214 18.63 -16.06 24.92
C ALA A 214 18.77 -17.06 23.78
N TYR A 215 17.98 -18.12 23.80
CA TYR A 215 17.98 -19.19 22.78
C TYR A 215 16.73 -19.36 21.91
N ARG A 216 15.64 -18.66 22.22
CA ARG A 216 14.36 -18.89 21.52
C ARG A 216 14.45 -18.71 19.99
N VAL A 217 13.73 -19.55 19.27
CA VAL A 217 13.68 -19.48 17.82
C VAL A 217 12.80 -18.31 17.44
N LEU A 218 13.40 -17.42 16.66
CA LEU A 218 12.71 -16.23 16.15
C LEU A 218 12.44 -16.26 14.62
N VAL A 219 11.37 -15.61 14.19
CA VAL A 219 10.93 -15.64 12.80
C VAL A 219 10.87 -14.24 12.24
N LEU A 220 11.53 -14.04 11.09
CA LEU A 220 11.71 -12.72 10.49
C LEU A 220 11.00 -12.69 9.14
N GLN A 221 10.35 -11.54 8.83
CA GLN A 221 9.51 -11.45 7.69
C GLN A 221 10.23 -10.77 6.49
N GLY A 222 9.96 -11.36 5.37
CA GLY A 222 10.37 -10.83 4.10
C GLY A 222 9.51 -9.65 3.66
N PRO A 223 9.99 -8.89 2.67
CA PRO A 223 9.32 -7.69 2.22
C PRO A 223 7.94 -8.00 1.66
N VAL A 224 6.94 -7.30 2.19
CA VAL A 224 5.54 -7.62 1.92
C VAL A 224 5.19 -9.07 2.14
N THR A 225 6.00 -9.77 2.91
CA THR A 225 5.93 -11.23 2.94
C THR A 225 5.59 -11.89 1.56
N ASP A 226 6.19 -11.33 0.52
CA ASP A 226 5.90 -11.76 -0.86
C ASP A 226 7.18 -12.53 -1.37
N ILE A 227 6.94 -13.71 -1.92
CA ILE A 227 8.04 -14.57 -2.40
C ILE A 227 8.92 -13.82 -3.40
N GLU A 228 8.28 -13.26 -4.42
CA GLU A 228 9.04 -12.60 -5.51
C GLU A 228 9.88 -11.42 -5.01
N LYS A 229 9.23 -10.49 -4.28
CA LYS A 229 9.94 -9.36 -3.64
C LYS A 229 11.00 -9.80 -2.61
N THR A 230 10.75 -10.88 -1.87
CA THR A 230 11.74 -11.36 -0.93
C THR A 230 13.01 -11.85 -1.73
N ASN A 231 12.76 -12.67 -2.74
CA ASN A 231 13.87 -13.17 -3.54
C ASN A 231 14.72 -12.01 -4.09
N GLU A 232 14.03 -11.05 -4.70
CA GLU A 232 14.65 -9.81 -5.19
C GLU A 232 15.36 -8.97 -4.11
N LEU A 233 14.76 -8.61 -2.96
CA LEU A 233 15.36 -7.60 -2.04
C LEU A 233 16.09 -8.07 -0.78
N TRP A 234 15.72 -9.24 -0.32
CA TRP A 234 16.36 -9.79 0.89
C TRP A 234 17.91 -9.95 0.72
N THR A 235 18.65 -9.46 1.69
CA THR A 235 20.12 -9.32 1.71
C THR A 235 20.71 -10.36 2.70
N HIS A 236 20.40 -10.22 3.99
CA HIS A 236 20.94 -11.01 5.09
C HIS A 236 19.87 -11.14 6.20
N MET A 237 20.06 -12.14 7.06
CA MET A 237 19.34 -12.31 8.33
C MET A 237 19.91 -11.31 9.30
N PRO A 238 19.16 -10.92 10.38
CA PRO A 238 19.81 -10.08 11.36
C PRO A 238 20.90 -10.81 12.11
N ALA A 239 21.78 -10.02 12.71
CA ALA A 239 22.82 -10.52 13.60
C ALA A 239 22.24 -11.02 14.92
N ASP A 240 22.65 -12.21 15.33
CA ASP A 240 22.16 -12.88 16.53
C ASP A 240 23.30 -13.43 17.41
N THR A 241 23.34 -13.06 18.68
CA THR A 241 24.26 -13.62 19.66
C THR A 241 24.05 -15.12 19.84
N ALA A 242 22.91 -15.65 19.41
CA ALA A 242 22.61 -17.10 19.47
C ALA A 242 22.94 -17.79 18.18
N THR A 243 23.11 -19.12 18.25
CA THR A 243 23.60 -19.85 17.09
C THR A 243 22.48 -20.61 16.51
N ASP A 244 22.18 -20.37 15.22
CA ASP A 244 21.24 -21.23 14.45
C ASP A 244 19.75 -21.26 14.95
N ARG A 245 19.27 -20.08 15.35
CA ARG A 245 17.93 -19.92 15.95
C ARG A 245 16.98 -18.96 15.20
N LEU A 246 17.03 -18.95 13.87
CA LEU A 246 16.21 -17.99 13.04
C LEU A 246 15.48 -18.69 11.91
N MET A 247 14.26 -18.23 11.58
CA MET A 247 13.52 -18.66 10.43
C MET A 247 13.09 -17.42 9.67
N ALA A 248 12.79 -17.65 8.40
CA ALA A 248 12.20 -16.63 7.51
C ALA A 248 10.75 -16.85 7.42
N GLU A 249 10.02 -15.82 7.02
CA GLU A 249 8.57 -15.96 6.83
C GLU A 249 8.09 -15.27 5.56
N VAL A 250 7.31 -15.99 4.78
CA VAL A 250 6.43 -15.48 3.74
C VAL A 250 4.98 -15.89 3.83
N HIS A 251 4.13 -15.15 3.13
CA HIS A 251 2.77 -15.42 3.00
C HIS A 251 2.48 -15.73 1.54
N PHE A 252 1.27 -16.16 1.26
CA PHE A 252 0.90 -16.72 -0.07
C PHE A 252 -0.55 -16.65 -0.41
N TYR A 253 -0.89 -15.81 -1.41
CA TYR A 253 -2.23 -15.76 -1.93
C TYR A 253 -2.21 -15.83 -3.49
N THR A 254 -1.18 -16.42 -4.05
CA THR A 254 -1.16 -16.58 -5.51
C THR A 254 -2.10 -17.71 -6.01
N PRO A 255 -2.88 -17.48 -7.04
CA PRO A 255 -3.17 -16.21 -7.63
C PRO A 255 -4.26 -15.50 -6.87
N TYR A 256 -4.06 -14.19 -6.64
CA TYR A 256 -5.06 -13.32 -5.97
C TYR A 256 -6.48 -13.42 -6.51
N ASN A 257 -6.60 -13.39 -7.82
CA ASN A 257 -7.92 -13.56 -8.47
C ASN A 257 -8.73 -14.74 -8.01
N PHE A 258 -8.08 -15.86 -7.68
CA PHE A 258 -8.80 -16.98 -7.14
C PHE A 258 -8.98 -16.87 -5.60
N ALA A 259 -7.91 -16.58 -4.89
CA ALA A 259 -7.86 -16.72 -3.42
C ALA A 259 -8.63 -15.62 -2.70
N LEU A 260 -8.59 -14.39 -3.20
CA LEU A 260 -9.18 -13.27 -2.41
C LEU A 260 -10.13 -12.29 -3.12
N MET A 261 -10.00 -12.18 -4.44
CA MET A 261 -10.72 -11.17 -5.22
C MET A 261 -12.21 -11.39 -5.25
N ARG A 262 -12.98 -10.37 -4.85
CA ARG A 262 -14.44 -10.46 -4.68
C ARG A 262 -15.26 -9.77 -5.76
N GLN A 263 -14.62 -9.05 -6.68
CA GLN A 263 -15.39 -8.38 -7.75
C GLN A 263 -14.39 -8.20 -8.86
N ASP A 264 -14.90 -8.08 -10.07
CA ASP A 264 -14.03 -7.83 -11.23
C ASP A 264 -13.66 -6.37 -11.28
N GLU A 265 -12.54 -6.09 -11.92
CA GLU A 265 -12.01 -4.75 -12.04
C GLU A 265 -11.60 -4.56 -13.48
N SER A 266 -11.37 -3.31 -13.87
CA SER A 266 -10.80 -2.99 -15.19
C SER A 266 -9.55 -3.86 -15.50
N TRP A 267 -8.77 -4.15 -14.47
CA TRP A 267 -7.51 -4.91 -14.64
C TRP A 267 -7.63 -6.44 -14.61
N GLY A 268 -8.78 -7.01 -14.29
CA GLY A 268 -8.83 -8.49 -14.16
C GLY A 268 -10.16 -8.99 -13.64
N LYS A 269 -10.38 -10.29 -13.83
CA LYS A 269 -11.61 -10.96 -13.49
C LYS A 269 -11.28 -11.95 -12.35
N GLN A 270 -12.26 -12.18 -11.48
CA GLN A 270 -12.24 -13.19 -10.41
C GLN A 270 -12.08 -14.59 -11.00
N PHE A 271 -11.35 -15.49 -10.33
CA PHE A 271 -11.34 -16.92 -10.73
C PHE A 271 -12.18 -17.67 -9.71
N TYR A 272 -13.19 -18.42 -10.18
CA TYR A 272 -14.05 -19.28 -9.34
C TYR A 272 -13.48 -20.68 -9.25
N TYR A 273 -12.58 -21.06 -10.16
CA TYR A 273 -12.12 -22.47 -10.35
C TYR A 273 -10.59 -22.53 -10.41
N TRP A 274 -9.99 -23.66 -9.96
CA TRP A 274 -8.55 -23.84 -9.90
C TRP A 274 -8.20 -25.33 -9.87
N GLY A 275 -7.10 -25.66 -10.52
CA GLY A 275 -6.42 -26.95 -10.52
C GLY A 275 -6.73 -27.88 -11.72
N GLU A 276 -5.73 -28.70 -12.11
N GLU A 276 -5.73 -28.60 -12.22
CA GLU A 276 -5.93 -29.78 -13.14
CA GLU A 276 -5.96 -29.59 -13.31
C GLU A 276 -7.17 -30.61 -12.78
C GLU A 276 -7.08 -30.58 -12.87
N GLY A 277 -8.11 -30.68 -13.73
CA GLY A 277 -9.24 -31.50 -13.54
C GLY A 277 -10.42 -30.82 -12.97
N PHE A 278 -10.22 -29.58 -12.43
CA PHE A 278 -11.39 -28.87 -11.88
C PHE A 278 -11.79 -27.54 -12.59
N LEU A 279 -11.45 -27.43 -13.88
CA LEU A 279 -11.69 -26.24 -14.67
C LEU A 279 -12.99 -26.31 -15.42
N SER A 280 -13.61 -25.16 -15.68
CA SER A 280 -14.95 -25.17 -16.26
C SER A 280 -14.85 -25.23 -17.78
N THR A 281 -15.86 -25.84 -18.40
CA THR A 281 -16.08 -25.72 -19.84
C THR A 281 -17.29 -24.81 -20.21
N THR A 282 -18.13 -24.45 -19.23
CA THR A 282 -19.31 -23.60 -19.43
C THR A 282 -18.99 -22.10 -19.15
N ASP A 283 -18.43 -21.75 -17.98
CA ASP A 283 -18.03 -20.36 -17.66
C ASP A 283 -16.52 -20.30 -17.66
N THR A 284 -15.92 -20.33 -18.86
CA THR A 284 -14.45 -20.42 -19.00
C THR A 284 -13.65 -19.13 -18.67
N GLU A 285 -14.30 -17.95 -18.66
CA GLU A 285 -13.67 -16.72 -18.20
C GLU A 285 -13.35 -16.85 -16.68
N ARG A 286 -14.03 -17.78 -15.99
CA ARG A 286 -13.78 -18.03 -14.56
C ARG A 286 -12.70 -19.05 -14.21
N ASN A 287 -12.01 -19.61 -15.21
CA ASN A 287 -10.82 -20.41 -14.97
C ASN A 287 -9.64 -19.50 -14.89
N PRO A 288 -8.55 -19.95 -14.29
CA PRO A 288 -7.30 -19.16 -14.21
C PRO A 288 -6.59 -18.94 -15.52
N THR A 289 -5.97 -17.75 -15.71
CA THR A 289 -5.04 -17.41 -16.78
C THR A 289 -3.65 -17.31 -16.29
N TRP A 290 -3.47 -17.53 -14.98
CA TRP A 290 -2.16 -17.54 -14.39
C TRP A 290 -2.25 -18.16 -12.96
N GLY A 291 -1.10 -18.46 -12.37
CA GLY A 291 -1.00 -18.87 -10.95
C GLY A 291 -1.45 -20.29 -10.72
N GLU A 292 -0.97 -21.16 -11.61
CA GLU A 292 -1.36 -22.54 -11.55
C GLU A 292 -0.25 -23.31 -10.91
N GLU A 293 -0.40 -24.64 -10.84
CA GLU A 293 0.56 -25.53 -10.21
C GLU A 293 2.01 -25.26 -10.49
N ALA A 294 2.42 -25.15 -11.76
CA ALA A 294 3.81 -24.85 -12.10
C ALA A 294 4.31 -23.57 -11.52
N THR A 295 3.47 -22.53 -11.52
CA THR A 295 3.85 -21.28 -10.85
C THR A 295 4.01 -21.45 -9.34
N ILE A 296 3.10 -22.17 -8.68
CA ILE A 296 3.25 -22.44 -7.23
C ILE A 296 4.58 -23.12 -7.01
N ASP A 297 4.84 -24.18 -7.79
CA ASP A 297 6.15 -24.85 -7.70
C ASP A 297 7.30 -23.94 -7.89
N GLN A 298 7.27 -23.07 -8.89
CA GLN A 298 8.42 -22.19 -9.15
C GLN A 298 8.71 -21.21 -7.98
N LEU A 299 7.63 -20.64 -7.44
CA LEU A 299 7.73 -19.67 -6.33
C LEU A 299 8.29 -20.33 -5.04
N PHE A 300 7.78 -21.48 -4.66
CA PHE A 300 8.28 -22.24 -3.53
C PHE A 300 9.73 -22.59 -3.74
N ASP A 301 10.11 -23.00 -4.96
CA ASP A 301 11.53 -23.28 -5.22
C ASP A 301 12.41 -22.10 -5.02
N LEU A 302 11.94 -20.85 -5.26
CA LEU A 302 12.79 -19.69 -4.87
C LEU A 302 13.10 -19.64 -3.38
N MET A 303 12.15 -20.07 -2.52
CA MET A 303 12.40 -19.96 -1.08
C MET A 303 13.32 -21.08 -0.58
N LYS A 304 13.17 -22.26 -1.15
CA LYS A 304 14.10 -23.41 -0.95
C LYS A 304 15.55 -23.00 -1.20
N THR A 305 15.82 -22.35 -2.33
CA THR A 305 17.20 -21.87 -2.62
C THR A 305 17.77 -20.76 -1.78
N LYS A 306 16.96 -19.72 -1.52
CA LYS A 306 17.44 -18.54 -0.77
C LYS A 306 17.70 -18.91 0.74
N PHE A 307 16.86 -19.78 1.24
CA PHE A 307 16.72 -20.01 2.68
C PHE A 307 16.99 -21.48 3.10
N VAL A 308 16.12 -22.38 2.66
CA VAL A 308 16.06 -23.70 3.25
C VAL A 308 17.42 -24.36 2.98
N ASP A 309 17.81 -24.37 1.71
CA ASP A 309 19.12 -24.93 1.30
C ASP A 309 20.29 -24.34 2.02
N GLN A 310 20.14 -23.15 2.60
CA GLN A 310 21.18 -22.55 3.43
C GLN A 310 21.02 -22.83 4.92
N GLY A 311 20.17 -23.79 5.28
CA GLY A 311 19.91 -24.14 6.68
C GLY A 311 19.03 -23.17 7.49
N ILE A 312 18.23 -22.34 6.79
CA ILE A 312 17.24 -21.41 7.42
C ILE A 312 15.88 -21.90 7.03
N PRO A 313 15.05 -22.49 7.97
CA PRO A 313 13.69 -22.86 7.52
C PRO A 313 12.88 -21.62 7.25
N VAL A 314 11.80 -21.84 6.55
CA VAL A 314 10.84 -20.85 6.08
C VAL A 314 9.45 -21.17 6.53
N VAL A 315 8.89 -20.24 7.30
CA VAL A 315 7.49 -20.32 7.70
C VAL A 315 6.62 -19.68 6.65
N LEU A 316 5.66 -20.40 6.19
CA LEU A 316 4.60 -19.94 5.27
C LEU A 316 3.42 -19.60 6.18
N GLY A 317 3.45 -18.36 6.64
CA GLY A 317 2.65 -17.89 7.81
C GLY A 317 1.20 -17.71 7.57
N GLU A 318 0.84 -17.51 6.27
CA GLU A 318 -0.49 -17.23 5.92
C GLU A 318 -0.81 -17.68 4.48
N PHE A 319 -1.82 -18.52 4.29
CA PHE A 319 -2.45 -18.83 2.99
C PHE A 319 -3.85 -19.30 3.16
N SER A 320 -4.71 -19.02 2.19
CA SER A 320 -6.05 -19.58 2.10
C SER A 320 -6.75 -19.07 0.88
N ALA A 321 -7.59 -19.89 0.28
CA ALA A 321 -8.53 -19.44 -0.76
C ALA A 321 -9.88 -19.41 -0.19
N MET A 322 -10.53 -18.24 -0.24
CA MET A 322 -11.82 -18.05 0.37
C MET A 322 -12.92 -18.90 -0.27
N ARG A 323 -14.01 -19.13 0.47
CA ARG A 323 -15.18 -19.87 -0.05
C ARG A 323 -16.06 -18.90 -0.81
N ARG A 324 -16.57 -19.32 -1.97
CA ARG A 324 -17.52 -18.53 -2.78
C ARG A 324 -18.87 -19.28 -2.69
N THR A 325 -19.65 -19.01 -1.63
CA THR A 325 -20.97 -19.64 -1.38
C THR A 325 -22.08 -18.82 -2.01
N ASN A 326 -21.75 -17.74 -2.73
CA ASN A 326 -22.65 -17.06 -3.63
C ASN A 326 -22.79 -17.76 -5.02
N LEU A 327 -22.01 -18.82 -5.29
CA LEU A 327 -22.26 -19.66 -6.45
C LEU A 327 -23.34 -20.70 -6.16
N THR A 328 -24.14 -21.07 -7.18
CA THR A 328 -25.21 -22.09 -7.10
C THR A 328 -24.93 -23.32 -8.02
N GLY A 329 -25.55 -24.46 -7.72
CA GLY A 329 -25.46 -25.66 -8.56
C GLY A 329 -24.12 -26.35 -8.79
N ASP A 330 -23.82 -26.65 -10.06
CA ASP A 330 -22.56 -27.33 -10.47
C ASP A 330 -21.33 -26.36 -10.47
N ALA A 331 -21.58 -25.07 -10.67
CA ALA A 331 -20.58 -24.00 -10.50
C ALA A 331 -19.95 -24.07 -9.08
N LEU A 332 -20.81 -24.03 -8.08
CA LEU A 332 -20.41 -24.18 -6.63
C LEU A 332 -19.65 -25.49 -6.32
N THR A 333 -20.25 -26.62 -6.69
CA THR A 333 -19.58 -27.91 -6.52
C THR A 333 -18.17 -27.91 -7.11
N LEU A 334 -18.03 -27.34 -8.30
CA LEU A 334 -16.74 -27.34 -9.01
C LEU A 334 -15.71 -26.40 -8.32
N HIS A 335 -16.15 -25.19 -8.00
CA HIS A 335 -15.33 -24.24 -7.18
C HIS A 335 -14.79 -24.92 -5.90
N LEU A 336 -15.68 -25.56 -5.16
CA LEU A 336 -15.35 -26.28 -3.90
C LEU A 336 -14.36 -27.35 -4.06
N ALA A 337 -14.41 -28.07 -5.21
CA ALA A 337 -13.42 -29.12 -5.47
C ALA A 337 -12.04 -28.54 -5.72
N GLY A 338 -12.01 -27.51 -6.54
CA GLY A 338 -10.79 -26.83 -6.83
C GLY A 338 -10.20 -26.06 -5.67
N ARG A 339 -11.10 -25.41 -4.94
CA ARG A 339 -10.70 -24.76 -3.69
C ARG A 339 -10.03 -25.78 -2.75
N ALA A 340 -10.66 -26.92 -2.53
CA ALA A 340 -9.98 -27.97 -1.69
C ALA A 340 -8.62 -28.45 -2.23
N TYR A 341 -8.61 -28.83 -3.50
CA TYR A 341 -7.32 -29.19 -4.09
C TYR A 341 -6.26 -28.10 -3.90
N TYR A 342 -6.64 -26.82 -4.02
CA TYR A 342 -5.68 -25.72 -3.93
C TYR A 342 -4.91 -25.75 -2.56
N HIS A 343 -5.66 -26.02 -1.49
CA HIS A 343 -5.13 -26.11 -0.13
C HIS A 343 -4.21 -27.34 0.06
N LYS A 344 -4.60 -28.46 -0.53
CA LYS A 344 -3.77 -29.68 -0.47
C LYS A 344 -2.47 -29.51 -1.20
N TYR A 345 -2.59 -28.96 -2.44
CA TYR A 345 -1.46 -28.73 -3.31
C TYR A 345 -0.53 -27.74 -2.68
N VAL A 346 -1.07 -26.66 -2.11
CA VAL A 346 -0.14 -25.68 -1.48
C VAL A 346 0.59 -26.33 -0.26
N THR A 347 -0.20 -26.97 0.56
CA THR A 347 0.34 -27.65 1.76
C THR A 347 1.39 -28.66 1.37
N GLN A 348 0.99 -29.56 0.48
CA GLN A 348 1.89 -30.66 0.00
C GLN A 348 3.12 -30.11 -0.69
N GLN A 349 2.95 -29.20 -1.65
CA GLN A 349 4.12 -28.64 -2.34
C GLN A 349 4.99 -27.75 -1.47
N ALA A 350 4.41 -27.12 -0.45
CA ALA A 350 5.26 -26.34 0.47
C ALA A 350 6.09 -27.25 1.35
N LEU A 351 5.46 -28.24 1.97
CA LEU A 351 6.19 -29.22 2.83
C LEU A 351 7.29 -29.93 2.06
N ALA A 352 6.98 -30.34 0.83
CA ALA A 352 8.03 -30.99 -0.05
C ALA A 352 9.24 -30.13 -0.23
N ARG A 353 9.12 -28.80 -0.07
CA ARG A 353 10.26 -27.90 -0.18
C ARG A 353 10.75 -27.24 1.08
N GLY A 354 10.31 -27.66 2.25
CA GLY A 354 10.92 -27.08 3.48
C GLY A 354 10.26 -25.79 4.01
N LEU A 355 9.07 -25.48 3.48
CA LEU A 355 8.21 -24.39 3.96
C LEU A 355 7.17 -25.04 4.88
N LEU A 356 6.89 -24.34 6.00
CA LEU A 356 5.92 -24.80 7.04
C LEU A 356 4.63 -24.05 6.85
N PRO A 357 3.58 -24.73 6.39
CA PRO A 357 2.31 -24.13 6.02
C PRO A 357 1.40 -23.87 7.20
N PHE A 358 1.01 -22.62 7.34
CA PHE A 358 0.03 -22.18 8.32
C PHE A 358 -1.20 -21.60 7.66
N TYR A 359 -2.29 -22.33 7.77
CA TYR A 359 -3.53 -21.93 7.16
C TYR A 359 -4.16 -20.69 7.82
N TRP A 360 -4.61 -19.78 6.95
CA TRP A 360 -5.19 -18.53 7.46
C TRP A 360 -6.70 -18.78 7.67
N ASP A 361 -7.10 -18.84 8.94
CA ASP A 361 -8.50 -19.00 9.36
C ASP A 361 -9.07 -17.76 10.02
N ASN A 362 -10.02 -17.09 9.42
CA ASN A 362 -10.63 -15.87 9.97
C ASN A 362 -11.86 -16.04 10.84
N GLY A 363 -12.19 -17.31 10.99
CA GLY A 363 -13.33 -17.73 11.74
C GLY A 363 -14.64 -17.66 11.06
N GLY A 364 -14.77 -16.97 9.92
CA GLY A 364 -16.10 -16.88 9.30
C GLY A 364 -16.51 -18.20 8.59
N ASN A 365 -17.79 -18.41 8.55
CA ASN A 365 -18.36 -19.63 7.94
C ASN A 365 -19.30 -19.21 6.86
N ASP A 366 -19.17 -17.98 6.40
CA ASP A 366 -20.08 -17.36 5.42
C ASP A 366 -19.32 -17.06 4.13
N ASN A 367 -19.95 -16.30 3.24
CA ASN A 367 -19.39 -16.13 1.90
C ASN A 367 -18.11 -15.27 2.05
N PHE A 368 -17.08 -15.57 1.27
CA PHE A 368 -15.80 -14.87 1.23
C PHE A 368 -14.95 -15.01 2.50
N SER A 369 -15.26 -16.01 3.33
CA SER A 369 -14.52 -16.26 4.59
C SER A 369 -13.58 -17.47 4.44
N SER A 370 -12.85 -17.77 5.51
CA SER A 370 -11.87 -18.84 5.51
C SER A 370 -11.91 -19.71 6.76
N GLY A 371 -12.94 -19.62 7.59
CA GLY A 371 -12.95 -20.39 8.81
C GLY A 371 -13.32 -21.85 8.52
N ILE A 372 -12.50 -22.76 8.98
CA ILE A 372 -12.78 -24.17 8.82
C ILE A 372 -13.40 -24.76 10.06
N PHE A 373 -13.20 -24.11 11.19
CA PHE A 373 -14.01 -24.41 12.40
C PHE A 373 -15.17 -23.50 12.63
N ASN A 374 -16.23 -24.04 13.22
CA ASN A 374 -17.28 -23.22 13.80
C ASN A 374 -16.83 -22.89 15.24
N ARG A 375 -16.39 -21.66 15.48
CA ARG A 375 -15.78 -21.29 16.77
C ARG A 375 -16.81 -21.19 17.94
N GLN A 376 -18.06 -20.87 17.59
CA GLN A 376 -19.14 -20.73 18.58
C GLN A 376 -19.45 -22.14 19.16
N GLN A 377 -19.29 -23.22 18.36
CA GLN A 377 -19.58 -24.60 18.84
C GLN A 377 -18.41 -25.52 19.05
N ASN A 378 -17.20 -25.12 18.65
CA ASN A 378 -16.05 -26.01 18.76
C ASN A 378 -16.24 -27.33 17.93
N THR A 379 -16.67 -27.14 16.70
CA THR A 379 -16.88 -28.21 15.72
C THR A 379 -16.25 -27.81 14.36
N VAL A 380 -16.18 -28.82 13.48
CA VAL A 380 -15.70 -28.64 12.14
C VAL A 380 -16.85 -28.11 11.28
N PHE A 381 -16.63 -26.98 10.62
CA PHE A 381 -17.57 -26.43 9.64
C PHE A 381 -17.18 -26.87 8.22
N ASP A 382 -15.91 -26.83 7.88
CA ASP A 382 -15.44 -27.16 6.51
C ASP A 382 -14.56 -28.39 6.53
N GLN A 383 -15.20 -29.55 6.55
CA GLN A 383 -14.47 -30.83 6.59
C GLN A 383 -13.60 -31.08 5.37
N GLN A 384 -14.10 -30.64 4.22
CA GLN A 384 -13.43 -30.80 2.91
C GLN A 384 -12.07 -30.13 2.89
N VAL A 385 -11.98 -28.90 3.43
CA VAL A 385 -10.75 -28.18 3.39
C VAL A 385 -9.83 -28.72 4.47
N LEU A 386 -10.43 -29.04 5.65
CA LEU A 386 -9.66 -29.74 6.70
C LEU A 386 -8.96 -31.02 6.18
N ASP A 387 -9.69 -31.85 5.45
CA ASP A 387 -9.09 -33.12 4.89
C ASP A 387 -8.00 -32.84 3.86
N ALA A 388 -8.20 -31.77 3.11
CA ALA A 388 -7.29 -31.37 2.09
C ALA A 388 -6.03 -30.98 2.72
N LEU A 389 -6.12 -30.22 3.83
CA LEU A 389 -4.92 -29.84 4.49
C LEU A 389 -4.17 -31.05 5.02
N LEU A 390 -4.92 -31.95 5.65
CA LEU A 390 -4.31 -33.15 6.31
C LEU A 390 -3.68 -34.11 5.28
N GLU A 391 -4.38 -34.30 4.18
CA GLU A 391 -3.85 -35.11 3.04
C GLU A 391 -2.58 -34.48 2.52
N GLY A 392 -2.57 -33.16 2.28
CA GLY A 392 -1.39 -32.51 1.86
C GLY A 392 -0.31 -32.65 2.85
N ALA A 393 -0.71 -32.65 4.13
CA ALA A 393 0.24 -32.96 5.19
C ALA A 393 0.57 -34.46 5.20
N GLY B 24 -4.06 20.10 22.39
CA GLY B 24 -3.49 20.63 21.11
C GLY B 24 -2.10 20.03 20.91
N LEU B 25 -1.95 19.15 19.92
CA LEU B 25 -0.63 18.52 19.63
C LEU B 25 0.42 19.53 19.13
N TYR B 26 -0.05 20.52 18.41
CA TYR B 26 0.74 21.49 17.81
C TYR B 26 0.09 22.83 18.11
N PRO B 27 0.89 23.92 18.05
CA PRO B 27 0.34 25.26 18.19
C PRO B 27 -0.43 25.72 16.97
N SER B 28 -1.25 26.78 17.14
CA SER B 28 -1.91 27.45 16.01
C SER B 28 -0.95 28.18 15.13
N TYR B 29 -1.15 28.06 13.81
CA TYR B 29 -0.46 28.84 12.76
C TYR B 29 -1.43 29.71 11.99
N ASN B 30 -2.59 29.88 12.57
CA ASN B 30 -3.55 30.82 12.04
C ASN B 30 -3.48 32.10 12.89
N THR B 31 -2.42 32.87 12.62
CA THR B 31 -2.00 34.07 13.41
C THR B 31 -1.96 35.38 12.60
N SER B 32 -2.65 35.41 11.46
CA SER B 32 -2.97 36.67 10.82
C SER B 32 -4.28 36.58 10.04
N PRO B 33 -5.32 35.99 10.65
CA PRO B 33 -6.49 35.73 9.82
C PRO B 33 -7.10 37.01 9.21
N ALA B 34 -6.64 37.35 8.00
CA ALA B 34 -7.19 38.42 7.16
C ALA B 34 -8.73 38.37 6.91
N ALA B 35 -9.25 39.47 6.36
CA ALA B 35 -10.68 39.61 6.06
C ALA B 35 -10.91 39.08 4.64
N PRO B 36 -12.04 38.38 4.41
CA PRO B 36 -12.34 37.77 3.08
C PRO B 36 -12.24 38.65 1.79
N ASP B 37 -11.01 39.00 1.36
CA ASP B 37 -10.76 39.75 0.09
C ASP B 37 -11.12 38.81 -1.09
N SER B 38 -12.18 39.17 -1.82
CA SER B 38 -12.61 38.48 -3.02
C SER B 38 -12.03 39.16 -4.27
N THR B 39 -11.15 40.15 -4.10
CA THR B 39 -10.50 40.84 -5.22
C THR B 39 -9.60 39.81 -5.89
N GLY B 40 -9.91 39.49 -7.14
CA GLY B 40 -9.16 38.50 -7.92
C GLY B 40 -9.70 37.07 -7.87
N MET B 41 -10.66 36.80 -6.98
CA MET B 41 -11.21 35.47 -6.82
C MET B 41 -12.64 35.38 -7.42
N GLN B 42 -12.87 36.01 -8.58
CA GLN B 42 -14.24 36.09 -9.13
C GLN B 42 -14.72 34.81 -9.84
N SER B 43 -13.81 33.98 -10.37
CA SER B 43 -14.24 32.70 -11.03
C SER B 43 -14.70 31.62 -10.02
N THR B 44 -15.82 30.98 -10.33
CA THR B 44 -16.17 29.71 -9.70
C THR B 44 -15.19 28.59 -10.19
N ALA B 45 -15.29 27.42 -9.55
CA ALA B 45 -14.52 26.24 -9.95
C ALA B 45 -14.82 25.84 -11.42
N VAL B 46 -16.09 25.83 -11.81
CA VAL B 46 -16.43 25.59 -13.23
C VAL B 46 -15.79 26.64 -14.15
N GLN B 47 -15.83 27.92 -13.76
CA GLN B 47 -15.23 28.98 -14.62
C GLN B 47 -13.71 28.88 -14.74
N LEU B 48 -13.07 28.53 -13.62
CA LEU B 48 -11.64 28.33 -13.57
C LEU B 48 -11.28 27.11 -14.43
N ALA B 49 -12.01 26.02 -14.28
CA ALA B 49 -11.84 24.80 -15.05
C ALA B 49 -11.95 25.06 -16.54
N GLY B 50 -12.93 25.88 -16.96
CA GLY B 50 -13.06 26.26 -18.36
C GLY B 50 -11.81 26.88 -18.96
N LYS B 51 -10.97 27.53 -18.16
CA LYS B 51 -9.73 28.16 -18.65
C LYS B 51 -8.50 27.18 -18.75
N ILE B 52 -8.64 25.95 -18.26
CA ILE B 52 -7.49 25.06 -18.20
C ILE B 52 -7.72 23.87 -19.09
N ARG B 53 -6.87 23.74 -20.10
CA ARG B 53 -6.94 22.61 -21.02
C ARG B 53 -5.73 21.71 -20.95
N LEU B 54 -4.53 22.26 -20.76
CA LEU B 54 -3.39 21.39 -20.71
C LEU B 54 -2.52 21.73 -19.54
N GLY B 55 -2.25 20.74 -18.68
CA GLY B 55 -1.39 20.92 -17.56
C GLY B 55 -0.08 20.09 -17.63
N TRP B 56 0.95 20.58 -16.92
CA TRP B 56 2.25 19.86 -16.81
C TRP B 56 2.68 19.76 -15.33
N ASN B 57 3.00 18.55 -14.86
CA ASN B 57 3.60 18.38 -13.52
C ASN B 57 5.13 18.64 -13.47
N ILE B 58 5.59 19.37 -12.47
CA ILE B 58 6.99 19.58 -12.23
C ILE B 58 7.44 18.40 -11.29
N GLY B 59 7.44 17.21 -11.86
CA GLY B 59 7.70 15.97 -11.12
C GLY B 59 9.15 15.82 -10.67
N ASN B 60 9.34 15.13 -9.55
CA ASN B 60 10.68 14.86 -9.00
C ASN B 60 11.53 16.11 -8.79
N THR B 61 10.89 17.17 -8.32
CA THR B 61 11.51 18.40 -8.04
C THR B 61 11.14 18.90 -6.65
N MET B 62 10.13 19.76 -6.45
CA MET B 62 9.90 20.31 -5.15
C MET B 62 9.40 19.23 -4.13
N GLU B 63 8.99 18.06 -4.59
CA GLU B 63 8.60 16.98 -3.64
C GLU B 63 9.70 15.99 -3.38
N ALA B 64 10.87 16.18 -3.99
CA ALA B 64 11.93 15.18 -3.83
C ALA B 64 12.43 15.09 -2.37
N ILE B 65 12.72 13.86 -1.97
CA ILE B 65 13.18 13.62 -0.61
C ILE B 65 14.70 13.93 -0.57
N GLY B 66 15.14 14.77 0.37
CA GLY B 66 16.56 15.16 0.48
C GLY B 66 16.84 16.48 -0.21
N GLY B 67 15.78 17.14 -0.74
CA GLY B 67 15.90 18.45 -1.38
C GLY B 67 15.43 18.46 -2.84
N GLU B 68 15.14 19.68 -3.31
CA GLU B 68 14.67 20.02 -4.64
C GLU B 68 15.52 19.44 -5.76
N THR B 69 16.83 19.27 -5.56
CA THR B 69 17.68 18.64 -6.58
C THR B 69 18.05 17.21 -6.27
N ALA B 70 17.52 16.64 -5.18
CA ALA B 70 17.96 15.30 -4.76
C ALA B 70 17.61 14.18 -5.75
N TRP B 71 16.65 14.39 -6.63
CA TRP B 71 16.25 13.36 -7.51
C TRP B 71 16.55 13.80 -8.97
N GLY B 72 17.63 14.52 -9.18
CA GLY B 72 18.21 14.69 -10.52
C GLY B 72 17.71 15.84 -11.38
N ASN B 73 16.95 16.77 -10.80
CA ASN B 73 16.45 17.88 -11.56
C ASN B 73 16.95 19.15 -10.95
N PRO B 74 17.09 20.21 -11.76
CA PRO B 74 17.59 21.42 -11.16
C PRO B 74 16.48 22.13 -10.45
N MET B 75 16.84 23.02 -9.54
CA MET B 75 15.85 23.92 -8.96
C MET B 75 14.98 24.49 -10.09
N VAL B 76 13.67 24.60 -9.84
CA VAL B 76 12.73 25.13 -10.85
C VAL B 76 13.18 26.58 -11.15
N SER B 77 13.17 26.94 -12.42
CA SER B 77 13.73 28.24 -12.85
C SER B 77 12.77 28.96 -13.81
N ASN B 78 12.91 30.29 -13.92
CA ASN B 78 12.04 31.04 -14.83
C ASN B 78 12.19 30.52 -16.27
N GLU B 79 13.41 30.15 -16.68
CA GLU B 79 13.64 29.60 -18.02
C GLU B 79 12.72 28.41 -18.34
N LEU B 80 12.48 27.56 -17.33
CA LEU B 80 11.70 26.35 -17.50
C LEU B 80 10.21 26.66 -17.60
N LEU B 81 9.81 27.55 -16.70
CA LEU B 81 8.42 27.92 -16.62
C LEU B 81 8.07 28.66 -17.96
N LYS B 82 8.98 29.55 -18.40
CA LYS B 82 8.85 30.20 -19.72
C LYS B 82 8.70 29.18 -20.85
N LEU B 83 9.51 28.12 -20.83
CA LEU B 83 9.44 27.06 -21.89
C LEU B 83 8.15 26.24 -21.85
N VAL B 84 7.66 25.97 -20.64
CA VAL B 84 6.40 25.24 -20.45
C VAL B 84 5.20 26.06 -21.01
N LYS B 85 5.08 27.35 -20.62
CA LYS B 85 3.99 28.22 -21.20
C LYS B 85 4.06 28.24 -22.75
N ASP B 86 5.27 28.43 -23.28
CA ASP B 86 5.47 28.58 -24.74
C ASP B 86 5.20 27.32 -25.47
N SER B 87 5.52 26.20 -24.85
CA SER B 87 5.19 24.90 -25.42
C SER B 87 3.67 24.68 -25.52
N GLY B 88 2.88 25.47 -24.79
CA GLY B 88 1.40 25.47 -24.95
C GLY B 88 0.60 24.91 -23.77
N PHE B 89 1.25 24.85 -22.60
CA PHE B 89 0.63 24.45 -21.33
C PHE B 89 0.01 25.70 -20.68
N ASP B 90 -1.15 25.51 -20.04
CA ASP B 90 -1.90 26.58 -19.36
C ASP B 90 -1.65 26.62 -17.86
N ALA B 91 -1.17 25.51 -17.31
CA ALA B 91 -1.16 25.29 -15.88
C ALA B 91 -0.03 24.36 -15.53
N VAL B 92 0.53 24.53 -14.34
CA VAL B 92 1.47 23.58 -13.75
C VAL B 92 0.91 23.05 -12.43
N ARG B 93 1.05 21.73 -12.22
CA ARG B 93 0.89 21.12 -10.90
C ARG B 93 2.30 20.97 -10.30
N ILE B 94 2.48 21.43 -9.07
CA ILE B 94 3.75 21.38 -8.37
C ILE B 94 3.58 20.48 -7.14
N PRO B 95 4.04 19.23 -7.25
CA PRO B 95 4.20 18.44 -6.04
C PRO B 95 5.17 19.11 -5.14
N VAL B 96 4.81 19.19 -3.88
CA VAL B 96 5.63 19.75 -2.89
C VAL B 96 5.75 18.90 -1.65
N ALA B 97 7.00 18.77 -1.18
CA ALA B 97 7.29 18.22 0.13
C ALA B 97 7.33 19.27 1.23
N TRP B 98 6.97 18.82 2.44
CA TRP B 98 6.88 19.68 3.61
C TRP B 98 7.43 19.04 4.84
N ASP B 99 7.05 17.81 5.13
CA ASP B 99 7.44 17.24 6.39
C ASP B 99 8.98 17.28 6.69
N GLN B 100 9.78 16.94 5.70
CA GLN B 100 11.30 16.99 5.89
C GLN B 100 11.86 18.43 6.11
N TYR B 101 11.06 19.46 5.91
CA TYR B 101 11.42 20.85 6.19
C TYR B 101 10.81 21.40 7.50
N ALA B 102 10.23 20.50 8.28
CA ALA B 102 9.48 20.85 9.42
C ALA B 102 10.11 20.34 10.67
N ASN B 103 9.99 21.16 11.69
CA ASN B 103 10.33 20.77 13.01
C ASN B 103 9.29 19.71 13.48
N GLN B 104 9.75 18.54 13.85
CA GLN B 104 8.81 17.45 14.22
C GLN B 104 8.07 17.54 15.58
N GLU B 105 8.54 18.36 16.51
CA GLU B 105 7.81 18.60 17.77
C GLU B 105 6.67 19.60 17.63
N SER B 106 6.95 20.66 16.88
CA SER B 106 6.02 21.78 16.74
C SER B 106 5.24 21.84 15.41
N ALA B 107 5.76 21.13 14.40
CA ALA B 107 5.23 21.12 13.01
C ALA B 107 5.50 22.40 12.23
N GLU B 108 6.47 23.19 12.71
CA GLU B 108 6.81 24.47 12.10
C GLU B 108 7.66 24.23 10.90
N ILE B 109 7.15 24.65 9.74
CA ILE B 109 7.88 24.49 8.51
C ILE B 109 8.95 25.62 8.41
N SER B 110 10.09 25.27 7.87
CA SER B 110 11.21 26.23 7.67
C SER B 110 10.80 27.45 6.84
N ALA B 111 11.06 28.64 7.41
CA ALA B 111 10.78 29.93 6.76
C ALA B 111 11.43 29.98 5.39
N ALA B 112 12.67 29.50 5.28
CA ALA B 112 13.38 29.48 4.01
C ALA B 112 12.63 28.67 2.94
N TRP B 113 12.05 27.54 3.33
CA TRP B 113 11.28 26.70 2.37
C TRP B 113 10.00 27.39 1.97
N LEU B 114 9.24 27.84 2.96
CA LEU B 114 7.99 28.56 2.60
C LEU B 114 8.28 29.66 1.59
N ASN B 115 9.36 30.44 1.82
CA ASN B 115 9.70 31.53 0.90
C ASN B 115 10.12 30.97 -0.45
N ARG B 116 10.90 29.89 -0.47
CA ARG B 116 11.28 29.24 -1.73
C ARG B 116 10.06 28.73 -2.53
N VAL B 117 9.08 28.12 -1.84
CA VAL B 117 7.87 27.68 -2.54
C VAL B 117 7.20 28.90 -3.18
N LYS B 118 7.02 29.95 -2.39
CA LYS B 118 6.38 31.20 -2.86
C LYS B 118 7.08 31.74 -4.11
N GLN B 119 8.41 31.80 -4.02
CA GLN B 119 9.32 32.12 -5.11
C GLN B 119 8.92 31.42 -6.39
N VAL B 120 8.77 30.09 -6.32
CA VAL B 120 8.38 29.32 -7.49
C VAL B 120 6.93 29.63 -7.92
N VAL B 121 6.03 29.80 -6.97
CA VAL B 121 4.64 30.09 -7.35
C VAL B 121 4.58 31.46 -8.05
N GLN B 122 5.33 32.43 -7.53
CA GLN B 122 5.44 33.77 -8.11
C GLN B 122 5.92 33.69 -9.54
N MET B 123 7.08 33.06 -9.78
CA MET B 123 7.59 32.89 -11.14
C MET B 123 6.63 32.19 -12.11
N ALA B 124 5.86 31.24 -11.60
CA ALA B 124 4.91 30.54 -12.45
C ALA B 124 3.78 31.48 -12.85
N ILE B 125 3.25 32.23 -11.89
CA ILE B 125 2.20 33.25 -12.13
C ILE B 125 2.77 34.37 -13.04
N ASP B 126 3.95 34.93 -12.70
CA ASP B 126 4.77 35.80 -13.58
C ASP B 126 4.81 35.29 -15.04
N ASN B 127 4.89 33.98 -15.27
CA ASN B 127 4.89 33.42 -16.64
C ASN B 127 3.48 32.96 -17.15
N GLU B 128 2.42 33.47 -16.53
CA GLU B 128 1.03 33.34 -17.01
C GLU B 128 0.39 31.92 -16.96
N LEU B 129 0.77 31.20 -15.90
CA LEU B 129 0.28 29.83 -15.64
C LEU B 129 -0.59 29.83 -14.40
N TYR B 130 -1.65 29.03 -14.48
CA TYR B 130 -2.32 28.50 -13.31
C TYR B 130 -1.37 27.50 -12.56
N VAL B 131 -1.39 27.58 -11.23
CA VAL B 131 -0.55 26.79 -10.37
C VAL B 131 -1.40 26.07 -9.34
N LEU B 132 -1.25 24.74 -9.33
CA LEU B 132 -1.83 23.86 -8.29
C LEU B 132 -0.70 23.34 -7.37
N ILE B 133 -0.67 23.76 -6.11
CA ILE B 133 0.29 23.16 -5.18
C ILE B 133 -0.38 22.14 -4.27
N ASN B 134 0.40 21.15 -3.83
CA ASN B 134 -0.16 20.14 -2.93
C ASN B 134 0.74 19.86 -1.71
N ILE B 135 0.33 18.96 -0.82
CA ILE B 135 1.28 18.14 -0.03
C ILE B 135 1.35 16.83 -0.75
N HIS B 136 2.54 16.43 -1.19
CA HIS B 136 2.65 15.19 -1.96
C HIS B 136 2.75 14.00 -1.02
N TRP B 137 3.16 12.84 -1.58
CA TRP B 137 3.53 11.67 -0.82
C TRP B 137 4.31 12.06 0.39
N ASP B 138 5.36 12.88 0.23
CA ASP B 138 5.96 13.58 1.36
C ASP B 138 6.53 12.61 2.45
N GLY B 139 7.13 11.53 1.98
CA GLY B 139 7.60 10.47 2.87
C GLY B 139 6.53 9.58 3.48
N GLY B 140 5.23 9.82 3.18
CA GLY B 140 4.21 8.85 3.57
C GLY B 140 3.43 9.19 4.79
N TRP B 141 3.69 10.32 5.45
CA TRP B 141 3.12 10.55 6.75
C TRP B 141 1.55 10.46 6.76
N LEU B 142 0.96 11.06 5.74
CA LEU B 142 -0.47 11.08 5.52
C LEU B 142 -0.82 9.97 4.56
N GLU B 143 -0.16 9.93 3.41
CA GLU B 143 -0.59 9.13 2.27
C GLU B 143 -0.74 7.66 2.58
N ASN B 144 0.19 7.10 3.31
CA ASN B 144 0.18 5.66 3.63
C ASN B 144 -0.50 5.35 4.99
N ASN B 145 -1.16 6.37 5.61
CA ASN B 145 -1.72 6.29 6.94
C ASN B 145 -3.14 6.86 7.02
N ILE B 146 -3.96 6.35 6.13
CA ILE B 146 -5.42 6.74 6.11
C ILE B 146 -6.11 5.70 6.99
N THR B 147 -5.85 5.77 8.30
N THR B 147 -5.88 5.76 8.30
CA THR B 147 -6.23 4.69 9.20
CA THR B 147 -6.29 4.64 9.16
C THR B 147 -6.80 5.33 10.46
C THR B 147 -6.67 5.20 10.54
N PRO B 148 -7.64 4.58 11.20
CA PRO B 148 -8.13 5.22 12.45
C PRO B 148 -7.07 5.54 13.46
N ALA B 149 -6.05 4.68 13.54
CA ALA B 149 -5.05 4.84 14.58
C ALA B 149 -4.16 6.07 14.34
N LYS B 150 -4.10 6.57 13.12
CA LYS B 150 -3.39 7.78 12.79
C LYS B 150 -4.30 8.99 12.57
N LYS B 151 -5.62 8.82 12.64
CA LYS B 151 -6.48 9.91 12.19
C LYS B 151 -6.28 11.22 12.99
N ASP B 152 -6.16 11.11 14.32
CA ASP B 152 -6.05 12.30 15.18
C ASP B 152 -4.71 13.04 14.96
N GLU B 153 -3.58 12.33 15.02
CA GLU B 153 -2.30 12.99 14.81
C GLU B 153 -2.13 13.55 13.42
N ASN B 154 -2.66 12.86 12.41
CA ASN B 154 -2.52 13.34 11.06
C ASN B 154 -3.42 14.48 10.80
N ASN B 155 -4.66 14.50 11.35
CA ASN B 155 -5.46 15.70 11.17
C ASN B 155 -4.75 16.97 11.77
N ALA B 156 -4.05 16.74 12.85
CA ALA B 156 -3.29 17.82 13.57
C ALA B 156 -2.17 18.38 12.68
N LYS B 157 -1.34 17.49 12.10
CA LYS B 157 -0.31 17.87 11.21
C LYS B 157 -0.86 18.47 9.90
N GLN B 158 -2.00 17.94 9.41
CA GLN B 158 -2.61 18.46 8.17
C GLN B 158 -3.07 19.91 8.41
N LYS B 159 -3.62 20.09 9.60
CA LYS B 159 -4.13 21.44 10.01
C LYS B 159 -2.94 22.38 10.14
N ALA B 160 -1.91 21.94 10.85
CA ALA B 160 -0.73 22.78 11.08
C ALA B 160 -0.04 23.17 9.81
N PHE B 161 0.28 22.21 8.95
CA PHE B 161 0.92 22.56 7.66
C PHE B 161 0.08 23.44 6.78
N TRP B 162 -1.18 23.07 6.56
CA TRP B 162 -1.99 23.88 5.67
C TRP B 162 -2.24 25.32 6.21
N GLU B 163 -2.34 25.48 7.54
CA GLU B 163 -2.47 26.84 8.13
C GLU B 163 -1.25 27.64 7.70
N GLN B 164 -0.09 27.02 7.77
CA GLN B 164 1.17 27.69 7.33
C GLN B 164 1.23 27.93 5.85
N ILE B 165 0.96 26.91 5.03
CA ILE B 165 1.05 27.09 3.56
C ILE B 165 0.01 28.19 3.11
N ALA B 166 -1.21 28.04 3.58
CA ALA B 166 -2.31 28.94 3.19
C ALA B 166 -2.02 30.41 3.64
N THR B 167 -1.60 30.56 4.90
CA THR B 167 -1.26 31.89 5.47
C THR B 167 -0.19 32.56 4.62
N HIS B 168 0.85 31.82 4.28
CA HIS B 168 1.96 32.36 3.59
C HIS B 168 1.67 32.68 2.16
N LEU B 169 0.85 31.85 1.52
CA LEU B 169 0.53 32.04 0.12
C LEU B 169 -0.81 32.79 -0.03
N ARG B 170 -1.31 33.40 1.06
CA ARG B 170 -2.67 33.96 1.09
C ARG B 170 -2.98 35.04 0.04
N ASP B 171 -1.97 35.81 -0.40
CA ASP B 171 -2.24 37.01 -1.25
C ASP B 171 -2.29 36.80 -2.74
N PHE B 172 -1.92 35.61 -3.22
CA PHE B 172 -1.96 35.30 -4.65
C PHE B 172 -3.41 35.20 -5.10
N ASP B 173 -3.65 35.53 -6.36
CA ASP B 173 -5.00 35.54 -6.94
C ASP B 173 -5.42 34.12 -7.32
N GLU B 174 -6.53 33.97 -8.06
CA GLU B 174 -7.06 32.66 -8.50
C GLU B 174 -6.19 31.85 -9.48
N HIS B 175 -5.04 32.40 -9.88
CA HIS B 175 -4.04 31.64 -10.64
C HIS B 175 -3.43 30.50 -9.79
N LEU B 176 -3.54 30.59 -8.46
CA LEU B 176 -3.08 29.57 -7.54
C LEU B 176 -4.28 28.76 -6.96
N LEU B 177 -4.23 27.44 -7.13
CA LEU B 177 -5.12 26.51 -6.42
C LEU B 177 -4.36 25.69 -5.37
N PHE B 178 -5.04 25.23 -4.34
CA PHE B 178 -4.49 24.23 -3.44
C PHE B 178 -5.17 22.86 -3.62
N ALA B 179 -4.33 21.83 -3.54
CA ALA B 179 -4.71 20.41 -3.52
C ALA B 179 -4.29 19.77 -2.19
N GLY B 180 -5.22 19.21 -1.44
CA GLY B 180 -4.98 18.93 -0.04
C GLY B 180 -4.06 17.72 0.23
N THR B 181 -4.09 16.77 -0.69
CA THR B 181 -3.34 15.52 -0.59
C THR B 181 -2.91 15.17 -2.03
N ASN B 182 -2.25 14.01 -2.15
CA ASN B 182 -1.78 13.51 -3.45
C ASN B 182 -2.50 12.25 -3.83
N ALA B 183 -2.08 11.10 -3.34
CA ALA B 183 -2.73 9.82 -3.66
C ALA B 183 -3.10 9.01 -2.43
N PRO B 184 -3.96 9.56 -1.59
CA PRO B 184 -4.20 8.92 -0.29
C PRO B 184 -4.58 7.42 -0.39
N ASN B 185 -3.96 6.56 0.38
CA ASN B 185 -4.16 5.08 0.29
C ASN B 185 -5.46 4.70 1.13
N ALA B 186 -6.63 4.88 0.54
CA ALA B 186 -7.94 4.52 1.18
C ALA B 186 -8.54 3.43 0.29
N GLU B 187 -8.73 2.22 0.80
CA GLU B 187 -9.19 1.07 0.00
C GLU B 187 -10.50 0.48 0.50
N ASN B 188 -11.06 1.04 1.56
CA ASN B 188 -12.35 0.62 2.10
C ASN B 188 -13.11 1.79 2.71
N ALA B 189 -14.36 1.53 3.14
CA ALA B 189 -15.22 2.60 3.59
C ALA B 189 -14.69 3.27 4.87
N GLU B 190 -14.14 2.45 5.76
CA GLU B 190 -13.55 2.97 7.01
C GLU B 190 -12.40 3.95 6.64
N GLN B 191 -11.53 3.55 5.72
CA GLN B 191 -10.45 4.43 5.31
C GLN B 191 -10.97 5.61 4.57
N MET B 192 -12.01 5.44 3.74
CA MET B 192 -12.63 6.63 3.14
C MET B 192 -13.10 7.64 4.19
N ASP B 193 -13.68 7.17 5.31
CA ASP B 193 -14.15 8.08 6.38
C ASP B 193 -12.95 8.87 6.94
N VAL B 194 -11.82 8.21 7.10
CA VAL B 194 -10.61 8.89 7.67
C VAL B 194 -10.20 9.91 6.62
N LEU B 195 -10.18 9.54 5.34
CA LEU B 195 -9.81 10.51 4.28
C LEU B 195 -10.73 11.74 4.21
N ASN B 196 -12.05 11.51 4.25
CA ASN B 196 -12.98 12.65 4.34
C ASN B 196 -12.58 13.64 5.46
N SER B 197 -12.17 13.11 6.58
CA SER B 197 -11.77 14.00 7.70
C SER B 197 -10.49 14.76 7.34
N TYR B 198 -9.49 14.09 6.73
CA TYR B 198 -8.28 14.76 6.32
C TYR B 198 -8.59 15.88 5.33
N LEU B 199 -9.52 15.63 4.35
CA LEU B 199 -9.92 16.59 3.36
C LEU B 199 -10.72 17.72 4.05
N GLN B 200 -11.51 17.38 5.03
CA GLN B 200 -12.34 18.42 5.73
C GLN B 200 -11.34 19.35 6.48
N THR B 201 -10.36 18.75 7.13
CA THR B 201 -9.39 19.51 7.90
C THR B 201 -8.67 20.47 6.96
N PHE B 202 -8.27 20.00 5.77
CA PHE B 202 -7.66 20.84 4.80
C PHE B 202 -8.52 22.05 4.42
N VAL B 203 -9.79 21.84 4.06
CA VAL B 203 -10.58 22.92 3.61
C VAL B 203 -10.73 24.00 4.78
N ASP B 204 -11.10 23.51 5.95
CA ASP B 204 -11.31 24.37 7.14
C ASP B 204 -10.07 25.08 7.49
N ALA B 205 -8.93 24.37 7.50
CA ALA B 205 -7.68 25.09 7.66
C ALA B 205 -7.47 26.22 6.70
N VAL B 206 -7.75 26.04 5.41
CA VAL B 206 -7.48 27.09 4.42
C VAL B 206 -8.45 28.27 4.61
N ARG B 207 -9.73 27.97 4.76
CA ARG B 207 -10.78 28.98 4.88
C ARG B 207 -10.60 29.77 6.15
N SER B 208 -10.22 29.10 7.25
CA SER B 208 -10.00 29.77 8.56
C SER B 208 -8.95 30.89 8.53
N THR B 209 -8.08 30.95 7.50
CA THR B 209 -7.01 31.97 7.41
C THR B 209 -7.47 33.20 6.64
N GLY B 210 -8.63 33.07 6.03
CA GLY B 210 -9.33 34.21 5.46
C GLY B 210 -8.60 34.83 4.31
N GLY B 211 -8.90 36.11 4.04
CA GLY B 211 -8.31 36.78 2.91
C GLY B 211 -8.79 36.13 1.62
N LYS B 212 -7.92 36.13 0.63
CA LYS B 212 -8.21 35.49 -0.65
C LYS B 212 -8.54 33.97 -0.49
N ASN B 213 -7.94 33.33 0.53
CA ASN B 213 -8.19 31.88 0.83
C ASN B 213 -9.64 31.60 1.23
N ALA B 214 -10.41 32.64 1.54
CA ALA B 214 -11.86 32.50 1.73
C ALA B 214 -12.58 32.03 0.45
N TYR B 215 -12.04 32.38 -0.72
CA TYR B 215 -12.65 32.10 -2.02
C TYR B 215 -11.86 31.16 -2.96
N ARG B 216 -10.60 30.88 -2.62
CA ARG B 216 -9.68 30.06 -3.45
C ARG B 216 -10.21 28.71 -3.78
N VAL B 217 -10.00 28.27 -5.01
CA VAL B 217 -10.55 27.00 -5.44
C VAL B 217 -9.65 25.95 -4.80
N LEU B 218 -10.26 24.90 -4.27
CA LEU B 218 -9.51 23.83 -3.62
C LEU B 218 -9.84 22.49 -4.29
N VAL B 219 -8.82 21.65 -4.37
CA VAL B 219 -8.88 20.40 -5.08
C VAL B 219 -8.77 19.24 -4.10
N LEU B 220 -9.75 18.33 -4.07
CA LEU B 220 -9.83 17.25 -3.09
C LEU B 220 -9.67 15.92 -3.86
N GLN B 221 -8.96 14.99 -3.26
CA GLN B 221 -8.55 13.75 -3.94
C GLN B 221 -9.47 12.55 -3.59
N GLY B 222 -9.78 11.77 -4.60
CA GLY B 222 -10.42 10.49 -4.36
C GLY B 222 -9.53 9.41 -3.75
N PRO B 223 -10.13 8.34 -3.21
CA PRO B 223 -9.41 7.23 -2.62
C PRO B 223 -8.51 6.56 -3.64
N VAL B 224 -7.23 6.55 -3.27
CA VAL B 224 -6.10 6.17 -4.12
C VAL B 224 -6.01 6.97 -5.41
N THR B 225 -6.70 8.11 -5.47
CA THR B 225 -7.00 8.81 -6.71
C THR B 225 -7.23 7.83 -7.89
N ASP B 226 -7.91 6.77 -7.56
CA ASP B 226 -8.34 5.77 -8.58
C ASP B 226 -9.81 5.95 -8.94
N ILE B 227 -10.10 5.98 -10.24
CA ILE B 227 -11.48 6.15 -10.71
C ILE B 227 -12.48 5.14 -10.19
N GLU B 228 -12.16 3.85 -10.23
CA GLU B 228 -13.10 2.82 -9.77
C GLU B 228 -13.29 2.85 -8.24
N LYS B 229 -12.21 2.97 -7.48
CA LYS B 229 -12.37 3.20 -6.04
C LYS B 229 -13.16 4.44 -5.65
N THR B 230 -13.04 5.50 -6.44
CA THR B 230 -13.65 6.79 -6.15
C THR B 230 -15.13 6.61 -6.44
N ASN B 231 -15.44 5.98 -7.57
CA ASN B 231 -16.84 5.61 -7.89
C ASN B 231 -17.54 4.73 -6.85
N GLU B 232 -16.81 3.81 -6.29
CA GLU B 232 -17.33 2.91 -5.31
C GLU B 232 -17.49 3.52 -3.91
N LEU B 233 -16.50 4.31 -3.46
CA LEU B 233 -16.44 4.69 -2.06
C LEU B 233 -16.75 6.09 -1.69
N TRP B 234 -16.62 7.02 -2.63
CA TRP B 234 -16.76 8.47 -2.33
C TRP B 234 -18.20 8.73 -1.91
N THR B 235 -18.37 9.55 -0.87
CA THR B 235 -19.69 9.83 -0.28
C THR B 235 -20.04 11.25 -0.61
N HIS B 236 -19.21 12.19 -0.20
CA HIS B 236 -19.48 13.59 -0.33
C HIS B 236 -18.28 14.51 -0.26
N MET B 237 -18.40 15.66 -0.85
CA MET B 237 -17.39 16.66 -0.67
C MET B 237 -17.43 17.12 0.79
N PRO B 238 -16.28 17.64 1.28
CA PRO B 238 -16.27 18.33 2.55
C PRO B 238 -17.26 19.50 2.55
N ALA B 239 -17.76 19.81 3.72
CA ALA B 239 -18.66 20.97 3.86
C ALA B 239 -17.75 22.19 3.81
N ASP B 240 -17.96 23.03 2.82
CA ASP B 240 -17.21 24.26 2.62
C ASP B 240 -18.12 25.40 3.04
N THR B 241 -17.51 26.47 3.57
CA THR B 241 -18.24 27.72 3.87
C THR B 241 -18.31 28.59 2.64
N ALA B 242 -17.35 28.48 1.74
CA ALA B 242 -17.49 29.11 0.41
C ALA B 242 -18.36 28.26 -0.52
N THR B 243 -18.81 28.86 -1.61
CA THR B 243 -19.83 28.19 -2.51
C THR B 243 -19.24 28.00 -3.94
N ASP B 244 -19.39 26.78 -4.46
CA ASP B 244 -18.86 26.42 -5.80
C ASP B 244 -17.34 26.67 -5.99
N ARG B 245 -16.55 26.34 -4.97
CA ARG B 245 -15.10 26.51 -5.10
C ARG B 245 -14.33 25.18 -4.84
N LEU B 246 -14.97 24.05 -5.16
CA LEU B 246 -14.30 22.74 -5.04
C LEU B 246 -14.16 22.03 -6.37
N MET B 247 -13.02 21.31 -6.52
CA MET B 247 -12.84 20.34 -7.60
C MET B 247 -12.52 19.00 -7.05
N ALA B 248 -12.72 17.95 -7.83
CA ALA B 248 -12.27 16.59 -7.45
C ALA B 248 -10.93 16.26 -8.18
N GLU B 249 -10.16 15.31 -7.64
CA GLU B 249 -8.91 14.89 -8.32
C GLU B 249 -8.84 13.33 -8.41
N VAL B 250 -8.48 12.84 -9.61
CA VAL B 250 -8.12 11.44 -9.79
C VAL B 250 -6.82 11.35 -10.63
N HIS B 251 -6.14 10.21 -10.53
CA HIS B 251 -4.94 10.00 -11.30
C HIS B 251 -5.24 8.82 -12.31
N PHE B 252 -4.35 8.60 -13.30
CA PHE B 252 -4.67 7.63 -14.30
C PHE B 252 -3.47 7.01 -15.04
N TYR B 253 -3.28 5.72 -14.84
CA TYR B 253 -2.21 4.96 -15.48
C TYR B 253 -2.72 3.78 -16.17
N THR B 254 -4.05 3.71 -16.42
CA THR B 254 -4.66 2.58 -17.08
C THR B 254 -4.23 2.47 -18.61
N PRO B 255 -3.80 1.30 -19.12
CA PRO B 255 -3.56 0.06 -18.36
C PRO B 255 -2.12 0.12 -17.83
N TYR B 256 -1.96 -0.32 -16.59
CA TYR B 256 -0.66 -0.18 -15.88
C TYR B 256 0.45 -0.99 -16.70
N ASN B 257 0.02 -2.06 -17.34
CA ASN B 257 0.90 -2.95 -18.11
C ASN B 257 1.61 -2.19 -19.24
N PHE B 258 0.91 -1.19 -19.80
CA PHE B 258 1.51 -0.24 -20.75
C PHE B 258 2.23 0.91 -20.15
N ALA B 259 1.59 1.68 -19.26
CA ALA B 259 2.12 2.97 -18.92
C ALA B 259 3.29 2.95 -18.02
N LEU B 260 3.33 1.98 -17.10
CA LEU B 260 4.38 1.89 -16.11
C LEU B 260 5.05 0.48 -15.90
N MET B 261 4.49 -0.62 -16.39
CA MET B 261 5.01 -1.94 -15.99
C MET B 261 6.43 -2.08 -16.63
N ARG B 262 7.46 -2.15 -15.80
N ARG B 262 7.45 -2.16 -15.78
CA ARG B 262 8.86 -2.30 -16.24
CA ARG B 262 8.89 -2.29 -16.14
C ARG B 262 9.33 -3.74 -16.54
C ARG B 262 9.48 -3.71 -16.26
N GLN B 263 8.69 -4.73 -15.91
CA GLN B 263 9.04 -6.15 -16.15
C GLN B 263 7.83 -7.06 -16.14
N ASP B 264 8.01 -8.21 -16.76
CA ASP B 264 7.02 -9.24 -16.73
C ASP B 264 6.92 -9.79 -15.33
N GLU B 265 5.73 -10.29 -14.98
CA GLU B 265 5.44 -10.73 -13.60
C GLU B 265 4.59 -11.98 -13.66
N SER B 266 4.52 -12.73 -12.56
CA SER B 266 3.72 -13.98 -12.51
C SER B 266 2.29 -13.71 -13.04
N TRP B 267 1.74 -12.57 -12.61
CA TRP B 267 0.37 -12.11 -12.99
C TRP B 267 0.07 -11.39 -14.35
N GLY B 268 1.07 -10.95 -15.12
CA GLY B 268 0.77 -10.44 -16.48
C GLY B 268 1.94 -9.86 -17.26
N LYS B 269 1.76 -9.72 -18.58
CA LYS B 269 2.81 -9.23 -19.50
C LYS B 269 2.79 -7.71 -19.63
N GLN B 270 3.95 -7.10 -19.68
CA GLN B 270 4.08 -5.75 -20.20
C GLN B 270 3.46 -5.61 -21.56
N PHE B 271 2.81 -4.47 -21.79
CA PHE B 271 2.25 -4.13 -23.10
C PHE B 271 3.22 -3.07 -23.59
N TYR B 272 3.85 -3.29 -24.76
CA TYR B 272 4.75 -2.25 -25.38
C TYR B 272 4.02 -1.32 -26.32
N TYR B 273 2.88 -1.79 -26.78
CA TYR B 273 2.06 -1.15 -27.79
C TYR B 273 0.66 -0.79 -27.24
N TRP B 274 0.13 0.32 -27.72
CA TRP B 274 -1.27 0.66 -27.40
C TRP B 274 -1.94 1.40 -28.56
N GLY B 275 -3.24 1.13 -28.76
CA GLY B 275 -4.13 1.94 -29.62
C GLY B 275 -4.44 1.21 -30.92
N GLU B 276 -5.70 1.34 -31.37
CA GLU B 276 -6.21 0.65 -32.58
C GLU B 276 -5.58 1.32 -33.83
N GLY B 277 -4.84 0.53 -34.61
CA GLY B 277 -3.97 1.05 -35.67
C GLY B 277 -2.52 1.12 -35.26
N PHE B 278 -2.23 0.62 -34.06
CA PHE B 278 -0.88 0.43 -33.61
C PHE B 278 -0.72 -0.96 -32.90
N LEU B 279 -1.61 -1.94 -33.16
CA LEU B 279 -1.45 -3.31 -32.63
C LEU B 279 -0.66 -4.10 -33.69
N SER B 280 -0.32 -5.32 -33.32
CA SER B 280 0.54 -6.13 -34.12
C SER B 280 -0.20 -7.35 -34.68
N THR B 281 0.33 -7.89 -35.78
CA THR B 281 -0.05 -9.22 -36.26
C THR B 281 1.08 -10.20 -35.92
N THR B 282 2.19 -9.64 -35.45
N THR B 282 2.17 -9.58 -35.42
CA THR B 282 3.39 -10.38 -35.11
CA THR B 282 3.52 -10.14 -35.22
C THR B 282 3.34 -11.09 -33.74
C THR B 282 3.97 -10.28 -33.74
N ASP B 283 4.25 -10.62 -32.88
N ASP B 283 4.31 -9.15 -33.11
CA ASP B 283 4.13 -10.68 -31.43
CA ASP B 283 4.72 -9.11 -31.69
C ASP B 283 2.74 -10.28 -30.89
C ASP B 283 3.47 -9.11 -30.75
N THR B 284 1.67 -11.04 -31.18
N THR B 284 2.45 -9.87 -31.18
CA THR B 284 0.38 -10.58 -30.66
CA THR B 284 1.10 -9.93 -30.61
C THR B 284 0.33 -10.59 -29.10
C THR B 284 0.94 -10.01 -29.07
N GLU B 285 1.39 -11.12 -28.47
CA GLU B 285 1.49 -11.24 -27.02
C GLU B 285 1.74 -9.90 -26.24
N ARG B 286 2.45 -8.92 -26.85
CA ARG B 286 2.70 -7.56 -26.29
C ARG B 286 1.65 -6.47 -26.60
N ASN B 287 0.55 -6.87 -27.17
CA ASN B 287 -0.58 -6.00 -27.25
C ASN B 287 -1.39 -6.06 -25.95
N PRO B 288 -2.33 -5.10 -25.77
CA PRO B 288 -3.22 -5.13 -24.60
C PRO B 288 -4.28 -6.15 -24.66
N THR B 289 -4.50 -6.85 -23.56
CA THR B 289 -5.64 -7.69 -23.42
C THR B 289 -6.77 -6.95 -22.62
N TRP B 290 -6.58 -5.65 -22.30
CA TRP B 290 -7.59 -4.82 -21.55
C TRP B 290 -7.11 -3.37 -21.50
N GLY B 291 -7.96 -2.47 -21.01
CA GLY B 291 -7.52 -1.10 -20.85
C GLY B 291 -7.28 -0.32 -22.13
N GLU B 292 -7.98 -0.67 -23.19
CA GLU B 292 -7.83 0.10 -24.42
C GLU B 292 -8.89 1.19 -24.51
N GLU B 293 -9.03 1.83 -25.69
CA GLU B 293 -9.85 3.09 -25.87
C GLU B 293 -11.23 3.08 -25.20
N ALA B 294 -11.94 1.96 -25.30
CA ALA B 294 -13.33 1.81 -24.77
C ALA B 294 -13.38 1.77 -23.22
N THR B 295 -12.31 1.29 -22.61
CA THR B 295 -12.23 1.24 -21.17
C THR B 295 -11.88 2.60 -20.64
N ILE B 296 -11.00 3.33 -21.32
CA ILE B 296 -10.69 4.70 -20.99
C ILE B 296 -11.93 5.59 -21.01
N ASP B 297 -12.70 5.44 -22.06
CA ASP B 297 -14.05 6.06 -22.19
C ASP B 297 -15.02 5.74 -21.03
N GLN B 298 -15.22 4.46 -20.73
CA GLN B 298 -16.14 3.99 -19.66
C GLN B 298 -15.65 4.63 -18.35
N LEU B 299 -14.34 4.58 -18.10
CA LEU B 299 -13.84 5.08 -16.78
C LEU B 299 -14.01 6.60 -16.65
N PHE B 300 -13.59 7.35 -17.64
CA PHE B 300 -13.80 8.80 -17.59
C PHE B 300 -15.31 9.19 -17.41
N ASP B 301 -16.20 8.43 -18.05
CA ASP B 301 -17.66 8.62 -17.93
C ASP B 301 -18.14 8.50 -16.49
N LEU B 302 -17.52 7.61 -15.72
CA LEU B 302 -17.84 7.49 -14.31
C LEU B 302 -17.62 8.81 -13.58
N MET B 303 -16.56 9.51 -13.95
CA MET B 303 -16.23 10.74 -13.30
C MET B 303 -17.03 11.89 -13.86
N LYS B 304 -17.38 11.87 -15.15
CA LYS B 304 -18.29 12.91 -15.66
C LYS B 304 -19.66 12.81 -14.92
N THR B 305 -20.18 11.61 -14.83
CA THR B 305 -21.42 11.36 -14.13
C THR B 305 -21.35 11.87 -12.70
N LYS B 306 -20.41 11.35 -11.92
CA LYS B 306 -20.35 11.61 -10.46
CA LYS B 306 -20.33 11.59 -10.47
C LYS B 306 -20.02 13.06 -10.09
N PHE B 307 -19.19 13.73 -10.88
CA PHE B 307 -18.70 15.04 -10.53
C PHE B 307 -19.02 16.12 -11.50
N VAL B 308 -18.55 15.99 -12.73
CA VAL B 308 -18.63 17.13 -13.68
C VAL B 308 -20.11 17.55 -13.92
N ASP B 309 -20.95 16.52 -14.04
CA ASP B 309 -22.40 16.67 -14.27
C ASP B 309 -23.10 17.33 -13.06
N GLN B 310 -22.45 17.34 -11.89
CA GLN B 310 -23.00 17.92 -10.66
C GLN B 310 -22.34 19.22 -10.32
N GLY B 311 -21.78 19.86 -11.35
CA GLY B 311 -20.99 21.07 -11.26
C GLY B 311 -19.66 21.08 -10.50
N ILE B 312 -19.00 19.90 -10.37
CA ILE B 312 -17.66 19.76 -9.72
C ILE B 312 -16.66 19.33 -10.86
N PRO B 313 -15.79 20.22 -11.34
CA PRO B 313 -14.75 19.80 -12.30
C PRO B 313 -13.84 18.72 -11.67
N VAL B 314 -13.20 17.93 -12.53
CA VAL B 314 -12.30 16.86 -12.10
C VAL B 314 -10.90 17.16 -12.66
N VAL B 315 -9.93 17.28 -11.80
CA VAL B 315 -8.49 17.42 -12.19
C VAL B 315 -7.96 16.05 -12.38
N LEU B 316 -7.46 15.80 -13.60
CA LEU B 316 -6.75 14.55 -13.89
C LEU B 316 -5.30 14.85 -13.60
N GLY B 317 -4.94 14.69 -12.32
CA GLY B 317 -3.74 15.31 -11.81
C GLY B 317 -2.42 14.67 -12.25
N GLU B 318 -2.50 13.47 -12.76
CA GLU B 318 -1.26 12.73 -13.10
C GLU B 318 -1.61 11.65 -14.10
N PHE B 319 -0.96 11.70 -15.25
CA PHE B 319 -1.07 10.66 -16.29
C PHE B 319 0.21 10.76 -17.17
N SER B 320 0.70 9.60 -17.61
CA SER B 320 1.82 9.50 -18.57
C SER B 320 2.13 8.01 -18.85
N ALA B 321 2.42 7.67 -20.10
CA ALA B 321 2.95 6.33 -20.44
C ALA B 321 4.45 6.55 -20.68
N MET B 322 5.26 5.74 -19.99
CA MET B 322 6.71 5.94 -20.01
C MET B 322 7.31 5.57 -21.40
N ARG B 323 8.48 6.13 -21.71
CA ARG B 323 9.27 5.75 -22.93
C ARG B 323 9.91 4.42 -22.68
N ARG B 324 9.72 3.49 -23.59
CA ARG B 324 10.50 2.24 -23.58
C ARG B 324 11.73 2.38 -24.57
N THR B 325 12.74 3.17 -24.24
CA THR B 325 13.87 3.24 -25.18
C THR B 325 14.81 1.97 -25.14
N ASN B 326 14.41 0.90 -24.44
CA ASN B 326 15.06 -0.42 -24.53
C ASN B 326 14.57 -1.25 -25.70
N LEU B 327 13.47 -0.83 -26.30
CA LEU B 327 13.06 -1.45 -27.52
C LEU B 327 13.99 -0.93 -28.61
N THR B 328 14.00 -1.67 -29.69
CA THR B 328 14.86 -1.32 -30.83
C THR B 328 14.09 -1.68 -32.09
N GLY B 329 14.45 -1.05 -33.19
CA GLY B 329 13.97 -1.46 -34.49
C GLY B 329 12.56 -1.01 -34.73
N ASP B 330 11.77 -1.90 -35.31
CA ASP B 330 10.40 -1.59 -35.58
C ASP B 330 9.54 -1.62 -34.31
N ALA B 331 10.12 -2.04 -33.21
CA ALA B 331 9.49 -1.93 -31.90
C ALA B 331 9.67 -0.49 -31.46
N LEU B 332 10.90 -0.04 -31.25
CA LEU B 332 11.16 1.35 -30.87
C LEU B 332 10.26 2.35 -31.55
N THR B 333 10.11 2.24 -32.88
CA THR B 333 9.38 3.23 -33.70
C THR B 333 7.84 3.06 -33.57
N LEU B 334 7.36 1.81 -33.63
CA LEU B 334 5.94 1.56 -33.42
C LEU B 334 5.40 1.83 -31.96
N HIS B 335 6.10 1.33 -30.93
CA HIS B 335 5.80 1.69 -29.52
C HIS B 335 5.76 3.24 -29.36
N LEU B 336 6.73 3.97 -29.89
CA LEU B 336 6.70 5.40 -29.79
C LEU B 336 5.42 6.00 -30.48
N ALA B 337 4.93 5.33 -31.52
CA ALA B 337 3.78 5.80 -32.22
C ALA B 337 2.50 5.61 -31.35
N GLY B 338 2.20 4.38 -30.91
CA GLY B 338 1.13 4.15 -29.91
C GLY B 338 1.28 4.93 -28.58
N ARG B 339 2.49 5.05 -28.03
CA ARG B 339 2.77 5.91 -26.84
C ARG B 339 2.31 7.38 -27.07
N ALA B 340 2.73 7.97 -28.20
CA ALA B 340 2.38 9.37 -28.52
C ALA B 340 0.84 9.51 -28.57
N TYR B 341 0.24 8.53 -29.19
CA TYR B 341 -1.16 8.49 -29.39
C TYR B 341 -2.01 8.20 -28.12
N TYR B 342 -1.50 7.36 -27.25
CA TYR B 342 -2.08 7.25 -25.92
C TYR B 342 -2.15 8.61 -25.25
N HIS B 343 -1.16 9.47 -25.42
CA HIS B 343 -1.21 10.75 -24.79
C HIS B 343 -2.29 11.60 -25.43
N LYS B 344 -2.31 11.61 -26.75
CA LYS B 344 -3.38 12.30 -27.51
C LYS B 344 -4.79 11.91 -27.06
N TYR B 345 -5.06 10.61 -27.10
CA TYR B 345 -6.35 10.00 -26.79
C TYR B 345 -6.79 10.33 -25.33
N VAL B 346 -5.84 10.22 -24.38
CA VAL B 346 -6.16 10.51 -22.98
C VAL B 346 -6.48 11.98 -22.83
N THR B 347 -5.70 12.82 -23.48
CA THR B 347 -5.80 14.24 -23.35
C THR B 347 -7.15 14.70 -23.93
N GLN B 348 -7.52 14.12 -25.08
CA GLN B 348 -8.71 14.53 -25.80
C GLN B 348 -9.98 14.02 -25.13
N GLN B 349 -9.97 12.76 -24.75
CA GLN B 349 -11.14 12.19 -24.17
C GLN B 349 -11.38 12.68 -22.70
N ALA B 350 -10.33 13.02 -21.97
CA ALA B 350 -10.49 13.68 -20.64
C ALA B 350 -11.20 15.03 -20.83
N LEU B 351 -10.62 15.87 -21.68
CA LEU B 351 -11.11 17.22 -21.91
C LEU B 351 -12.56 17.26 -22.37
N ALA B 352 -12.96 16.29 -23.21
CA ALA B 352 -14.35 16.13 -23.66
C ALA B 352 -15.35 15.64 -22.62
N ARG B 353 -14.89 15.30 -21.42
CA ARG B 353 -15.79 14.92 -20.32
C ARG B 353 -15.58 15.81 -19.10
N GLY B 354 -14.92 16.94 -19.32
CA GLY B 354 -14.62 17.89 -18.24
C GLY B 354 -13.56 17.47 -17.25
N LEU B 355 -12.64 16.59 -17.66
CA LEU B 355 -11.47 16.32 -16.82
C LEU B 355 -10.33 17.14 -17.33
N LEU B 356 -9.49 17.62 -16.44
CA LEU B 356 -8.43 18.56 -16.83
C LEU B 356 -7.09 17.77 -16.78
N PRO B 357 -6.56 17.43 -17.94
CA PRO B 357 -5.34 16.58 -17.96
C PRO B 357 -4.02 17.29 -17.53
N PHE B 358 -3.35 16.80 -16.48
CA PHE B 358 -2.02 17.23 -16.08
C PHE B 358 -0.99 16.11 -16.32
N TYR B 359 -0.14 16.30 -17.30
CA TYR B 359 0.83 15.27 -17.73
C TYR B 359 1.94 15.10 -16.62
N TRP B 360 2.27 13.83 -16.29
CA TRP B 360 3.22 13.48 -15.26
C TRP B 360 4.68 13.40 -15.89
N ASP B 361 5.47 14.39 -15.54
CA ASP B 361 6.79 14.58 -16.05
C ASP B 361 7.84 14.46 -14.93
N ASN B 362 8.55 13.33 -14.94
CA ASN B 362 9.59 13.18 -13.92
C ASN B 362 10.96 13.74 -14.24
N GLY B 363 11.09 14.37 -15.40
CA GLY B 363 12.33 15.10 -15.73
C GLY B 363 13.37 14.24 -16.41
N GLY B 364 13.22 12.93 -16.40
CA GLY B 364 14.21 12.05 -17.00
C GLY B 364 14.09 11.90 -18.50
N ASN B 365 15.24 11.66 -19.18
CA ASN B 365 15.25 11.35 -20.65
C ASN B 365 15.75 9.96 -21.06
N ASP B 366 16.03 9.11 -20.08
CA ASP B 366 16.45 7.71 -20.30
C ASP B 366 15.26 6.78 -20.45
N ASN B 367 15.53 5.47 -20.56
CA ASN B 367 14.52 4.42 -20.63
C ASN B 367 13.62 4.46 -19.36
N PHE B 368 12.34 4.18 -19.60
CA PHE B 368 11.29 4.09 -18.56
C PHE B 368 11.09 5.43 -17.84
N SER B 369 11.40 6.55 -18.48
CA SER B 369 11.23 7.87 -17.87
C SER B 369 10.02 8.56 -18.55
N SER B 370 9.69 9.74 -18.07
CA SER B 370 8.54 10.47 -18.59
C SER B 370 8.86 11.93 -18.89
N GLY B 371 10.11 12.38 -18.78
CA GLY B 371 10.44 13.77 -19.05
C GLY B 371 10.15 14.09 -20.52
N ILE B 372 9.58 15.27 -20.78
CA ILE B 372 9.52 15.79 -22.20
C ILE B 372 10.44 16.97 -22.47
N PHE B 373 10.98 17.57 -21.42
CA PHE B 373 11.97 18.60 -21.50
C PHE B 373 13.30 18.14 -20.88
N ASN B 374 14.40 18.67 -21.42
CA ASN B 374 15.71 18.53 -20.79
C ASN B 374 15.79 19.71 -19.90
N ARG B 375 15.63 19.44 -18.61
CA ARG B 375 15.64 20.46 -17.59
C ARG B 375 17.05 21.13 -17.47
N GLN B 376 18.11 20.35 -17.75
CA GLN B 376 19.52 20.79 -17.59
C GLN B 376 19.78 21.87 -18.67
N GLN B 377 19.45 21.52 -19.92
CA GLN B 377 19.56 22.43 -21.10
C GLN B 377 18.33 23.33 -21.47
N ASN B 378 17.28 23.34 -20.63
CA ASN B 378 16.03 24.14 -20.83
C ASN B 378 15.52 24.09 -22.28
N THR B 379 15.58 22.89 -22.86
CA THR B 379 15.12 22.61 -24.22
C THR B 379 14.10 21.49 -24.18
N VAL B 380 13.52 21.19 -25.34
CA VAL B 380 12.51 20.16 -25.52
C VAL B 380 13.20 18.86 -25.92
N PHE B 381 13.16 17.87 -25.05
CA PHE B 381 13.67 16.54 -25.37
C PHE B 381 12.69 15.72 -26.18
N ASP B 382 11.40 15.82 -25.90
CA ASP B 382 10.45 14.84 -26.47
C ASP B 382 9.33 15.56 -27.26
N GLN B 383 9.71 16.09 -28.43
CA GLN B 383 8.76 16.85 -29.27
C GLN B 383 7.60 15.98 -29.73
N GLN B 384 7.82 14.69 -29.94
CA GLN B 384 6.70 13.79 -30.44
C GLN B 384 5.54 13.55 -29.42
N VAL B 385 5.88 13.53 -28.14
CA VAL B 385 4.84 13.45 -27.09
C VAL B 385 4.16 14.82 -27.02
N LEU B 386 4.97 15.87 -27.02
CA LEU B 386 4.50 17.22 -26.87
C LEU B 386 3.44 17.58 -27.89
N ASP B 387 3.66 17.17 -29.14
CA ASP B 387 2.71 17.34 -30.24
C ASP B 387 1.45 16.57 -30.02
N ALA B 388 1.54 15.32 -29.57
CA ALA B 388 0.34 14.51 -29.37
C ALA B 388 -0.59 15.09 -28.23
N LEU B 389 0.05 15.63 -27.19
CA LEU B 389 -0.69 16.36 -26.11
C LEU B 389 -1.34 17.69 -26.63
N LEU B 390 -0.55 18.51 -27.32
CA LEU B 390 -1.08 19.82 -27.82
C LEU B 390 -2.23 19.59 -28.84
N GLU B 391 -2.18 18.48 -29.56
CA GLU B 391 -3.26 18.04 -30.48
C GLU B 391 -4.49 17.50 -29.76
N GLY B 392 -4.29 16.79 -28.65
CA GLY B 392 -5.42 16.30 -27.91
C GLY B 392 -6.21 17.45 -27.33
N ALA B 393 -5.53 18.56 -27.01
CA ALA B 393 -6.12 19.74 -26.38
C ALA B 393 -6.73 20.83 -27.34
#